data_1KPH
#
_entry.id   1KPH
#
_cell.length_a   77.623
_cell.length_b   77.623
_cell.length_c   174.878
_cell.angle_alpha   90.00
_cell.angle_beta   90.00
_cell.angle_gamma   90.00
#
_symmetry.space_group_name_H-M   'P 43'
#
loop_
_entity.id
_entity.type
_entity.pdbx_description
1 polymer 'CYCLOPROPANE-FATTY-ACYL-PHOSPHOLIPID SYNTHASE 1'
2 non-polymer 'CARBONATE ION'
3 non-polymer S-ADENOSYL-L-HOMOCYSTEINE
4 non-polymer DIDECYL-DIMETHYL-AMMONIUM
5 water water
#
_entity_poly.entity_id   1
_entity_poly.type   'polypeptide(L)'
_entity_poly.pdbx_seq_one_letter_code
;MPDELKPHFANVQAHYDLSDDFFRLFLDPTQTYSCAYFERDDMTLQEAQIAKIDLALGKLGLQPGMTLLDVGCGWGATMM
RAVEKYDVNVVGLTLSKNQANHVQQLVANSENLRSKRVLLAGWEQFDEPVDRIVSIGAFEHFGHERYDAFFSLAHRLLPA
DGVMLLHTITGLHPKEIHERGLPMSFTFARFLKFIVTEIFPGGRLPSIPMVQECASANGFTVTRVQSLQPHYAKTLDLWS
AALQANKGQAIALQSEEVYERYMKYLTGCAEMFRIGYIDVNQFTCQK
;
_entity_poly.pdbx_strand_id   A,B,C,D
#
# COMPACT_ATOMS: atom_id res chain seq x y z
N LEU A 5 -15.80 -10.75 37.68
CA LEU A 5 -14.52 -11.38 37.23
C LEU A 5 -13.95 -10.68 36.01
N LYS A 6 -12.93 -9.86 36.21
CA LYS A 6 -12.30 -9.15 35.11
C LYS A 6 -11.18 -9.99 34.52
N PRO A 7 -11.29 -10.39 33.25
CA PRO A 7 -10.25 -11.20 32.61
C PRO A 7 -8.87 -10.63 32.86
N HIS A 8 -7.86 -11.50 32.92
CA HIS A 8 -6.49 -11.07 33.15
C HIS A 8 -5.84 -10.68 31.83
N PHE A 9 -6.34 -9.62 31.22
CA PHE A 9 -5.81 -9.14 29.95
C PHE A 9 -4.31 -8.92 30.00
N ALA A 10 -3.83 -8.23 31.03
CA ALA A 10 -2.40 -7.93 31.17
C ALA A 10 -1.49 -9.15 31.12
N ASN A 11 -1.71 -10.11 32.02
CA ASN A 11 -0.87 -11.31 32.06
C ASN A 11 -0.88 -12.11 30.77
N VAL A 12 -2.07 -12.34 30.24
CA VAL A 12 -2.22 -13.10 29.00
C VAL A 12 -1.56 -12.33 27.87
N GLN A 13 -1.85 -11.03 27.79
CA GLN A 13 -1.27 -10.19 26.75
C GLN A 13 0.24 -10.11 26.88
N ALA A 14 0.74 -10.27 28.10
CA ALA A 14 2.17 -10.21 28.34
C ALA A 14 2.91 -11.21 27.45
N HIS A 15 2.28 -12.35 27.19
CA HIS A 15 2.89 -13.39 26.36
C HIS A 15 2.53 -13.32 24.87
N TYR A 16 1.24 -13.38 24.56
CA TYR A 16 0.80 -13.40 23.16
C TYR A 16 0.84 -12.10 22.36
N ASP A 17 0.92 -10.96 23.02
CA ASP A 17 1.01 -9.71 22.28
C ASP A 17 2.44 -9.26 22.10
N LEU A 18 3.37 -10.19 22.31
CA LEU A 18 4.79 -9.90 22.15
C LEU A 18 5.06 -9.40 20.74
N SER A 19 4.59 -10.16 19.75
CA SER A 19 4.77 -9.82 18.34
C SER A 19 4.47 -11.03 17.45
N ASP A 20 3.40 -10.94 16.65
CA ASP A 20 3.05 -12.04 15.77
C ASP A 20 4.26 -12.47 14.97
N ASP A 21 5.00 -11.48 14.48
CA ASP A 21 6.20 -11.74 13.69
C ASP A 21 7.15 -12.66 14.43
N PHE A 22 7.21 -12.53 15.75
CA PHE A 22 8.09 -13.36 16.56
C PHE A 22 7.58 -14.80 16.67
N PHE A 23 6.30 -14.95 17.00
CA PHE A 23 5.73 -16.29 17.12
C PHE A 23 5.82 -17.03 15.79
N ARG A 24 5.70 -16.28 14.70
CA ARG A 24 5.76 -16.86 13.37
C ARG A 24 7.11 -17.51 13.11
N LEU A 25 8.12 -17.17 13.91
CA LEU A 25 9.44 -17.77 13.71
C LEU A 25 9.50 -19.22 14.17
N PHE A 26 8.56 -19.65 15.00
CA PHE A 26 8.61 -21.03 15.43
C PHE A 26 7.33 -21.85 15.30
N LEU A 27 6.18 -21.20 15.18
CA LEU A 27 4.91 -21.93 15.01
C LEU A 27 4.70 -22.31 13.55
N ASP A 28 3.82 -23.27 13.30
CA ASP A 28 3.55 -23.67 11.92
C ASP A 28 2.72 -22.56 11.28
N PRO A 29 2.60 -22.57 9.94
CA PRO A 29 1.82 -21.55 9.24
C PRO A 29 0.42 -21.24 9.76
N THR A 30 -0.29 -22.25 10.28
CA THR A 30 -1.63 -22.00 10.79
C THR A 30 -1.56 -21.23 12.11
N GLN A 31 -0.35 -21.10 12.62
CA GLN A 31 -0.09 -20.40 13.89
C GLN A 31 -0.77 -21.11 15.05
N THR A 32 -0.87 -22.43 14.96
CA THR A 32 -1.48 -23.20 16.04
C THR A 32 -0.43 -23.23 17.16
N TYR A 33 -0.87 -22.88 18.37
CA TYR A 33 0.04 -22.82 19.50
C TYR A 33 -0.44 -23.76 20.61
N SER A 34 -0.34 -25.06 20.33
CA SER A 34 -0.76 -26.11 21.25
C SER A 34 -0.23 -27.44 20.73
N CYS A 35 -0.35 -28.49 21.54
CA CYS A 35 0.15 -29.81 21.17
C CYS A 35 -0.42 -30.36 19.87
N ALA A 36 0.47 -30.73 18.95
CA ALA A 36 0.06 -31.30 17.67
C ALA A 36 -0.22 -32.80 17.85
N TYR A 37 -0.84 -33.41 16.85
CA TYR A 37 -1.17 -34.83 16.91
C TYR A 37 -0.55 -35.58 15.72
N PHE A 38 0.54 -36.30 15.97
CA PHE A 38 1.18 -37.04 14.90
C PHE A 38 0.52 -38.39 14.69
N GLU A 39 -0.70 -38.33 14.13
CA GLU A 39 -1.50 -39.52 13.85
C GLU A 39 -0.66 -40.52 13.06
N ARG A 40 0.03 -40.02 12.04
CA ARG A 40 0.90 -40.85 11.20
C ARG A 40 2.34 -40.48 11.55
N ASP A 41 3.26 -41.42 11.32
CA ASP A 41 4.67 -41.21 11.63
C ASP A 41 5.39 -40.04 10.98
N ASP A 42 5.34 -39.96 9.66
CA ASP A 42 6.04 -38.90 8.94
C ASP A 42 5.26 -37.60 8.69
N MET A 43 4.32 -37.28 9.58
CA MET A 43 3.56 -36.05 9.40
C MET A 43 4.41 -34.82 9.64
N THR A 44 4.10 -33.74 8.92
CA THR A 44 4.82 -32.48 9.11
C THR A 44 4.10 -31.85 10.29
N LEU A 45 4.68 -30.79 10.85
CA LEU A 45 4.07 -30.12 11.99
C LEU A 45 2.71 -29.58 11.59
N GLN A 46 2.63 -28.99 10.39
CA GLN A 46 1.38 -28.44 9.89
C GLN A 46 0.30 -29.51 9.79
N GLU A 47 0.65 -30.67 9.25
CA GLU A 47 -0.30 -31.76 9.09
C GLU A 47 -0.73 -32.28 10.46
N ALA A 48 0.22 -32.36 11.39
CA ALA A 48 -0.06 -32.84 12.74
C ALA A 48 -0.94 -31.86 13.52
N GLN A 49 -0.80 -30.57 13.23
CA GLN A 49 -1.62 -29.58 13.92
C GLN A 49 -3.05 -29.67 13.39
N ILE A 50 -3.18 -29.92 12.08
CA ILE A 50 -4.50 -30.04 11.47
C ILE A 50 -5.16 -31.30 12.01
N ALA A 51 -4.36 -32.35 12.19
CA ALA A 51 -4.88 -33.62 12.70
C ALA A 51 -5.36 -33.43 14.14
N LYS A 52 -4.66 -32.60 14.91
CA LYS A 52 -5.05 -32.33 16.28
C LYS A 52 -6.39 -31.59 16.25
N ILE A 53 -6.51 -30.61 15.36
CA ILE A 53 -7.75 -29.86 15.23
C ILE A 53 -8.92 -30.80 14.87
N ASP A 54 -8.71 -31.68 13.91
CA ASP A 54 -9.75 -32.63 13.48
C ASP A 54 -10.11 -33.59 14.62
N LEU A 55 -9.12 -33.99 15.41
CA LEU A 55 -9.34 -34.88 16.54
C LEU A 55 -10.29 -34.22 17.53
N ALA A 56 -10.05 -32.93 17.80
CA ALA A 56 -10.89 -32.17 18.72
C ALA A 56 -12.27 -31.90 18.14
N LEU A 57 -12.32 -31.36 16.92
CA LEU A 57 -13.60 -31.06 16.30
C LEU A 57 -14.43 -32.30 16.00
N GLY A 58 -13.74 -33.40 15.70
CA GLY A 58 -14.42 -34.65 15.41
C GLY A 58 -15.16 -35.27 16.58
N LYS A 59 -14.98 -34.70 17.78
CA LYS A 59 -15.63 -35.22 18.97
C LYS A 59 -16.88 -34.40 19.32
N LEU A 60 -17.11 -33.32 18.59
CA LEU A 60 -18.24 -32.44 18.86
C LEU A 60 -19.56 -32.73 18.14
N GLY A 61 -19.55 -33.67 17.19
CA GLY A 61 -20.77 -33.97 16.47
C GLY A 61 -21.28 -32.73 15.74
N LEU A 62 -20.37 -32.03 15.08
CA LEU A 62 -20.72 -30.81 14.36
C LEU A 62 -21.70 -31.07 13.22
N GLN A 63 -22.49 -30.06 12.89
CA GLN A 63 -23.45 -30.13 11.81
C GLN A 63 -23.57 -28.74 11.19
N PRO A 64 -23.85 -28.67 9.88
CA PRO A 64 -23.98 -27.38 9.21
C PRO A 64 -25.00 -26.50 9.91
N GLY A 65 -24.67 -25.21 10.05
CA GLY A 65 -25.60 -24.29 10.69
C GLY A 65 -25.30 -24.07 12.17
N MET A 66 -24.68 -25.05 12.82
CA MET A 66 -24.35 -24.92 14.23
C MET A 66 -23.42 -23.74 14.47
N THR A 67 -23.38 -23.28 15.72
CA THR A 67 -22.50 -22.19 16.09
C THR A 67 -21.49 -22.74 17.09
N LEU A 68 -20.21 -22.69 16.72
CA LEU A 68 -19.14 -23.19 17.57
C LEU A 68 -18.42 -22.07 18.30
N LEU A 69 -18.25 -22.24 19.60
CA LEU A 69 -17.55 -21.24 20.41
C LEU A 69 -16.13 -21.73 20.68
N ASP A 70 -15.13 -20.94 20.31
CA ASP A 70 -13.74 -21.31 20.56
C ASP A 70 -13.20 -20.39 21.64
N VAL A 71 -13.11 -20.91 22.86
CA VAL A 71 -12.60 -20.15 24.00
C VAL A 71 -11.07 -20.13 23.98
N GLY A 72 -10.51 -18.97 23.66
CA GLY A 72 -9.07 -18.85 23.58
C GLY A 72 -8.67 -19.28 22.18
N CYS A 73 -9.36 -18.70 21.20
CA CYS A 73 -9.16 -19.00 19.78
C CYS A 73 -7.76 -18.84 19.19
N GLY A 74 -6.86 -18.18 19.93
CA GLY A 74 -5.52 -17.99 19.42
C GLY A 74 -5.52 -17.22 18.12
N TRP A 75 -4.73 -17.65 17.15
CA TRP A 75 -4.69 -16.97 15.87
C TRP A 75 -5.73 -17.51 14.88
N GLY A 76 -6.75 -18.16 15.44
CA GLY A 76 -7.87 -18.67 14.67
C GLY A 76 -7.84 -19.88 13.75
N ALA A 77 -6.75 -20.64 13.72
CA ALA A 77 -6.70 -21.80 12.83
C ALA A 77 -7.87 -22.76 13.04
N THR A 78 -8.24 -22.98 14.30
CA THR A 78 -9.32 -23.90 14.62
C THR A 78 -10.67 -23.38 14.14
N MET A 79 -10.93 -22.10 14.36
CA MET A 79 -12.18 -21.46 13.94
C MET A 79 -12.38 -21.57 12.43
N MET A 80 -11.36 -21.22 11.67
CA MET A 80 -11.44 -21.26 10.21
C MET A 80 -11.57 -22.69 9.68
N ARG A 81 -10.95 -23.65 10.36
CA ARG A 81 -11.02 -25.05 9.95
C ARG A 81 -12.47 -25.51 10.17
N ALA A 82 -13.04 -25.09 11.31
CA ALA A 82 -14.41 -25.45 11.63
C ALA A 82 -15.33 -24.93 10.53
N VAL A 83 -15.11 -23.70 10.10
CA VAL A 83 -15.92 -23.09 9.04
C VAL A 83 -15.74 -23.82 7.70
N GLU A 84 -14.49 -23.87 7.25
CA GLU A 84 -14.14 -24.45 5.96
C GLU A 84 -14.32 -25.97 5.79
N LYS A 85 -14.00 -26.75 6.81
CA LYS A 85 -14.14 -28.21 6.68
C LYS A 85 -15.42 -28.78 7.26
N TYR A 86 -16.00 -28.09 8.24
CA TYR A 86 -17.21 -28.58 8.88
C TYR A 86 -18.47 -27.76 8.63
N ASP A 87 -18.30 -26.59 8.03
CA ASP A 87 -19.42 -25.72 7.68
C ASP A 87 -20.31 -25.24 8.82
N VAL A 88 -19.69 -24.77 9.90
CA VAL A 88 -20.42 -24.26 11.04
C VAL A 88 -20.09 -22.79 11.22
N ASN A 89 -20.94 -22.06 11.93
CA ASN A 89 -20.72 -20.65 12.22
C ASN A 89 -19.75 -20.70 13.39
N VAL A 90 -19.04 -19.60 13.65
CA VAL A 90 -18.09 -19.60 14.75
C VAL A 90 -18.02 -18.29 15.52
N VAL A 91 -17.55 -18.42 16.76
CA VAL A 91 -17.36 -17.29 17.66
C VAL A 91 -16.07 -17.61 18.39
N GLY A 92 -15.08 -16.72 18.29
CA GLY A 92 -13.81 -16.94 18.94
C GLY A 92 -13.52 -15.88 19.98
N LEU A 93 -12.97 -16.30 21.12
CA LEU A 93 -12.63 -15.38 22.20
C LEU A 93 -11.14 -15.39 22.50
N THR A 94 -10.57 -14.21 22.75
CA THR A 94 -9.15 -14.10 23.06
C THR A 94 -8.84 -12.77 23.76
N LEU A 95 -7.89 -12.81 24.68
CA LEU A 95 -7.50 -11.60 25.41
C LEU A 95 -6.33 -10.92 24.72
N SER A 96 -5.83 -11.52 23.65
CA SER A 96 -4.70 -10.98 22.90
C SER A 96 -5.13 -9.98 21.84
N LYS A 97 -4.63 -8.74 21.95
CA LYS A 97 -4.96 -7.71 20.98
C LYS A 97 -4.50 -8.11 19.58
N ASN A 98 -3.26 -8.55 19.47
CA ASN A 98 -2.70 -8.96 18.19
C ASN A 98 -3.43 -10.13 17.56
N GLN A 99 -3.94 -11.03 18.39
CA GLN A 99 -4.66 -12.19 17.88
C GLN A 99 -6.05 -11.77 17.41
N ALA A 100 -6.68 -10.89 18.19
CA ALA A 100 -8.00 -10.39 17.85
C ALA A 100 -7.93 -9.69 16.49
N ASN A 101 -6.89 -8.89 16.28
CA ASN A 101 -6.71 -8.18 15.03
C ASN A 101 -6.42 -9.13 13.87
N HIS A 102 -5.54 -10.09 14.10
CA HIS A 102 -5.18 -11.07 13.07
C HIS A 102 -6.41 -11.86 12.60
N VAL A 103 -7.15 -12.41 13.56
CA VAL A 103 -8.34 -13.19 13.24
C VAL A 103 -9.41 -12.30 12.60
N GLN A 104 -9.44 -11.03 12.99
CA GLN A 104 -10.41 -10.10 12.44
C GLN A 104 -10.18 -9.94 10.94
N GLN A 105 -8.93 -10.07 10.50
CA GLN A 105 -8.62 -9.97 9.08
C GLN A 105 -9.02 -11.25 8.36
N LEU A 106 -8.81 -12.38 9.01
CA LEU A 106 -9.20 -13.66 8.42
C LEU A 106 -10.70 -13.62 8.16
N VAL A 107 -11.45 -13.16 9.16
CA VAL A 107 -12.90 -13.05 9.04
C VAL A 107 -13.28 -12.10 7.92
N ALA A 108 -12.67 -10.91 7.91
CA ALA A 108 -12.94 -9.91 6.91
C ALA A 108 -12.65 -10.37 5.48
N ASN A 109 -11.62 -11.20 5.32
CA ASN A 109 -11.25 -11.67 3.99
C ASN A 109 -11.82 -13.02 3.57
N SER A 110 -12.54 -13.69 4.48
CA SER A 110 -13.12 -14.99 4.15
C SER A 110 -14.20 -14.87 3.07
N GLU A 111 -14.27 -15.85 2.18
CA GLU A 111 -15.29 -15.85 1.15
C GLU A 111 -16.37 -16.86 1.48
N ASN A 112 -16.30 -17.41 2.69
CA ASN A 112 -17.26 -18.39 3.14
C ASN A 112 -18.46 -17.65 3.72
N LEU A 113 -19.66 -18.16 3.46
CA LEU A 113 -20.90 -17.52 3.92
C LEU A 113 -21.23 -17.61 5.41
N ARG A 114 -20.65 -18.58 6.12
CA ARG A 114 -20.98 -18.73 7.54
C ARG A 114 -20.62 -17.51 8.40
N SER A 115 -21.35 -17.37 9.51
CA SER A 115 -21.15 -16.27 10.44
C SER A 115 -19.85 -16.49 11.21
N LYS A 116 -19.02 -15.44 11.29
CA LYS A 116 -17.75 -15.54 11.98
C LYS A 116 -17.51 -14.31 12.85
N ARG A 117 -17.27 -14.56 14.14
CA ARG A 117 -17.01 -13.47 15.08
C ARG A 117 -15.83 -13.74 15.97
N VAL A 118 -15.00 -12.72 16.17
CA VAL A 118 -13.84 -12.81 17.05
C VAL A 118 -13.95 -11.62 18.01
N LEU A 119 -13.91 -11.92 19.31
CA LEU A 119 -14.03 -10.88 20.32
C LEU A 119 -12.82 -10.75 21.23
N LEU A 120 -12.40 -9.50 21.48
CA LEU A 120 -11.28 -9.26 22.37
C LEU A 120 -11.92 -9.23 23.75
N ALA A 121 -12.28 -10.41 24.24
CA ALA A 121 -12.92 -10.55 25.54
C ALA A 121 -12.71 -11.95 26.09
N GLY A 122 -12.92 -12.12 27.38
CA GLY A 122 -12.76 -13.43 27.99
C GLY A 122 -14.11 -14.09 28.16
N TRP A 123 -14.13 -15.40 28.40
CA TRP A 123 -15.40 -16.09 28.58
C TRP A 123 -16.13 -15.44 29.74
N GLU A 124 -15.38 -14.74 30.59
CA GLU A 124 -15.95 -14.06 31.75
C GLU A 124 -16.89 -12.94 31.32
N GLN A 125 -16.75 -12.49 30.08
CA GLN A 125 -17.58 -11.42 29.55
C GLN A 125 -18.46 -11.90 28.39
N PHE A 126 -18.55 -13.22 28.23
CA PHE A 126 -19.37 -13.80 27.17
C PHE A 126 -20.49 -14.65 27.75
N ASP A 127 -21.72 -14.25 27.45
CA ASP A 127 -22.89 -14.97 27.95
C ASP A 127 -23.91 -15.12 26.82
N GLU A 128 -23.54 -15.92 25.83
CA GLU A 128 -24.39 -16.14 24.67
C GLU A 128 -24.49 -17.64 24.35
N PRO A 129 -25.71 -18.11 24.06
CA PRO A 129 -25.91 -19.53 23.74
C PRO A 129 -25.16 -19.98 22.49
N VAL A 130 -24.54 -21.16 22.59
CA VAL A 130 -23.80 -21.74 21.47
C VAL A 130 -24.16 -23.22 21.42
N ASP A 131 -23.95 -23.85 20.27
CA ASP A 131 -24.27 -25.28 20.14
C ASP A 131 -23.17 -26.19 20.67
N ARG A 132 -21.92 -25.83 20.41
CA ARG A 132 -20.80 -26.63 20.86
C ARG A 132 -19.65 -25.75 21.33
N ILE A 133 -18.75 -26.32 22.14
CA ILE A 133 -17.62 -25.56 22.63
C ILE A 133 -16.30 -26.31 22.49
N VAL A 134 -15.26 -25.57 22.14
CA VAL A 134 -13.94 -26.16 22.02
C VAL A 134 -12.98 -25.17 22.67
N SER A 135 -12.04 -25.69 23.46
CA SER A 135 -11.07 -24.83 24.12
C SER A 135 -9.77 -25.60 24.19
N ILE A 136 -8.77 -25.09 23.48
CA ILE A 136 -7.47 -25.75 23.44
C ILE A 136 -6.35 -24.87 23.98
N GLY A 137 -5.74 -25.31 25.08
CA GLY A 137 -4.64 -24.58 25.68
C GLY A 137 -4.96 -23.20 26.24
N ALA A 138 -6.20 -22.98 26.65
CA ALA A 138 -6.58 -21.69 27.23
C ALA A 138 -6.82 -21.86 28.72
N PHE A 139 -7.30 -23.05 29.08
CA PHE A 139 -7.58 -23.39 30.48
C PHE A 139 -6.43 -23.02 31.40
N GLU A 140 -5.21 -23.35 30.99
CA GLU A 140 -4.02 -23.07 31.79
C GLU A 140 -3.86 -21.60 32.19
N HIS A 141 -4.67 -20.73 31.59
CA HIS A 141 -4.62 -19.30 31.89
C HIS A 141 -5.75 -18.85 32.79
N PHE A 142 -6.75 -19.70 32.99
CA PHE A 142 -7.91 -19.36 33.81
C PHE A 142 -7.61 -19.24 35.30
N GLY A 143 -6.80 -20.15 35.82
CA GLY A 143 -6.49 -20.14 37.24
C GLY A 143 -7.45 -21.05 37.99
N HIS A 144 -6.94 -21.85 38.92
CA HIS A 144 -7.78 -22.76 39.70
C HIS A 144 -9.01 -22.07 40.26
N GLU A 145 -8.85 -20.81 40.65
CA GLU A 145 -9.93 -20.03 41.24
C GLU A 145 -11.12 -19.78 40.34
N ARG A 146 -10.94 -19.89 39.03
CA ARG A 146 -12.04 -19.65 38.11
C ARG A 146 -12.55 -20.88 37.37
N TYR A 147 -11.94 -22.04 37.63
CA TYR A 147 -12.35 -23.27 36.96
C TYR A 147 -13.84 -23.54 37.11
N ASP A 148 -14.33 -23.48 38.33
CA ASP A 148 -15.75 -23.73 38.60
C ASP A 148 -16.65 -22.77 37.81
N ALA A 149 -16.27 -21.50 37.77
CA ALA A 149 -17.05 -20.51 37.05
C ALA A 149 -17.08 -20.82 35.55
N PHE A 150 -15.95 -21.26 35.02
CA PHE A 150 -15.87 -21.59 33.62
C PHE A 150 -16.83 -22.71 33.24
N PHE A 151 -16.76 -23.83 33.96
CA PHE A 151 -17.65 -24.95 33.66
C PHE A 151 -19.12 -24.60 33.88
N SER A 152 -19.37 -23.69 34.81
CA SER A 152 -20.74 -23.27 35.09
C SER A 152 -21.27 -22.57 33.85
N LEU A 153 -20.48 -21.64 33.32
CA LEU A 153 -20.84 -20.89 32.12
C LEU A 153 -20.98 -21.83 30.93
N ALA A 154 -19.99 -22.71 30.77
CA ALA A 154 -20.00 -23.66 29.68
C ALA A 154 -21.29 -24.48 29.66
N HIS A 155 -21.67 -24.98 30.83
CA HIS A 155 -22.88 -25.79 30.93
C HIS A 155 -24.13 -24.96 30.66
N ARG A 156 -24.09 -23.69 31.06
CA ARG A 156 -25.23 -22.80 30.87
C ARG A 156 -25.43 -22.38 29.41
N LEU A 157 -24.33 -22.18 28.68
CA LEU A 157 -24.40 -21.76 27.29
C LEU A 157 -24.71 -22.86 26.28
N LEU A 158 -24.48 -24.12 26.67
CA LEU A 158 -24.71 -25.25 25.78
C LEU A 158 -26.15 -25.73 25.73
N PRO A 159 -26.55 -26.32 24.59
CA PRO A 159 -27.93 -26.83 24.41
C PRO A 159 -28.08 -28.05 25.31
N ALA A 160 -29.20 -28.76 25.18
CA ALA A 160 -29.45 -29.94 26.00
C ALA A 160 -28.47 -31.06 25.63
N ASP A 161 -28.18 -31.19 24.35
CA ASP A 161 -27.27 -32.22 23.86
C ASP A 161 -25.85 -31.65 23.65
N GLY A 162 -25.61 -30.46 24.21
CA GLY A 162 -24.33 -29.81 24.06
C GLY A 162 -23.10 -30.64 24.43
N VAL A 163 -21.97 -30.27 23.85
CA VAL A 163 -20.70 -30.96 24.10
C VAL A 163 -19.54 -29.99 24.08
N MET A 164 -18.64 -30.11 25.05
CA MET A 164 -17.45 -29.27 25.09
C MET A 164 -16.19 -30.12 25.10
N LEU A 165 -15.27 -29.82 24.19
CA LEU A 165 -14.01 -30.54 24.12
C LEU A 165 -13.02 -29.60 24.78
N LEU A 166 -12.57 -29.97 25.96
CA LEU A 166 -11.60 -29.17 26.70
C LEU A 166 -10.26 -29.85 26.60
N HIS A 167 -9.31 -29.16 25.98
CA HIS A 167 -7.96 -29.66 25.78
C HIS A 167 -7.02 -28.81 26.60
N THR A 168 -6.35 -29.44 27.56
CA THR A 168 -5.45 -28.70 28.43
C THR A 168 -4.30 -29.53 28.97
N ILE A 169 -3.20 -28.84 29.25
CA ILE A 169 -2.03 -29.47 29.84
C ILE A 169 -2.45 -29.80 31.28
N THR A 170 -1.91 -30.87 31.84
CA THR A 170 -2.24 -31.26 33.21
C THR A 170 -0.94 -31.55 33.95
N GLY A 171 -0.92 -31.28 35.26
CA GLY A 171 0.30 -31.51 36.02
C GLY A 171 0.12 -32.27 37.31
N LEU A 172 1.22 -32.87 37.76
CA LEU A 172 1.23 -33.64 39.00
C LEU A 172 1.68 -32.71 40.13
N HIS A 173 1.28 -33.05 41.35
CA HIS A 173 1.66 -32.25 42.51
C HIS A 173 3.11 -32.55 42.87
N PRO A 174 3.97 -31.52 42.89
CA PRO A 174 5.39 -31.64 43.22
C PRO A 174 5.70 -32.53 44.41
N LYS A 175 4.82 -32.51 45.41
CA LYS A 175 5.00 -33.33 46.60
C LYS A 175 4.79 -34.79 46.25
N GLU A 176 3.69 -35.07 45.57
CA GLU A 176 3.34 -36.42 45.15
C GLU A 176 4.22 -36.94 44.02
N ILE A 177 4.86 -36.03 43.30
CA ILE A 177 5.73 -36.39 42.18
C ILE A 177 6.92 -37.23 42.64
N HIS A 178 7.37 -37.00 43.87
CA HIS A 178 8.50 -37.73 44.40
C HIS A 178 8.22 -39.22 44.47
N GLU A 179 6.95 -39.56 44.68
CA GLU A 179 6.54 -40.96 44.79
C GLU A 179 6.46 -41.65 43.42
N ARG A 180 6.29 -40.86 42.37
CA ARG A 180 6.23 -41.39 41.01
C ARG A 180 7.60 -41.90 40.61
N GLY A 181 8.53 -41.91 41.56
CA GLY A 181 9.87 -42.37 41.27
C GLY A 181 10.52 -41.42 40.30
N LEU A 182 10.12 -40.15 40.37
CA LEU A 182 10.65 -39.12 39.49
C LEU A 182 11.64 -38.23 40.21
N PRO A 183 12.93 -38.29 39.80
CA PRO A 183 13.97 -37.46 40.42
C PRO A 183 13.76 -35.99 40.08
N MET A 184 14.84 -35.22 40.06
CA MET A 184 14.77 -33.81 39.74
C MET A 184 13.91 -33.03 40.73
N SER A 185 12.58 -33.15 40.58
CA SER A 185 11.61 -32.47 41.44
C SER A 185 11.95 -31.00 41.65
N PHE A 186 12.94 -30.73 42.49
CA PHE A 186 13.37 -29.37 42.76
C PHE A 186 13.59 -28.66 41.43
N THR A 187 14.27 -29.34 40.51
CA THR A 187 14.55 -28.80 39.19
C THR A 187 13.22 -28.49 38.50
N PHE A 188 12.27 -29.41 38.65
CA PHE A 188 10.95 -29.24 38.05
C PHE A 188 10.30 -27.98 38.63
N ALA A 189 10.20 -27.94 39.96
CA ALA A 189 9.60 -26.80 40.66
C ALA A 189 10.30 -25.50 40.28
N ARG A 190 11.62 -25.55 40.16
CA ARG A 190 12.41 -24.38 39.81
C ARG A 190 12.09 -23.92 38.39
N PHE A 191 11.77 -24.88 37.51
CA PHE A 191 11.45 -24.57 36.12
C PHE A 191 10.02 -23.99 36.03
N LEU A 192 9.13 -24.52 36.87
CA LEU A 192 7.74 -24.05 36.89
C LEU A 192 7.72 -22.59 37.31
N LYS A 193 8.58 -22.24 38.25
CA LYS A 193 8.68 -20.87 38.74
C LYS A 193 9.12 -20.00 37.57
N PHE A 194 10.11 -20.47 36.83
CA PHE A 194 10.62 -19.76 35.67
C PHE A 194 9.53 -19.49 34.63
N ILE A 195 8.73 -20.52 34.35
CA ILE A 195 7.65 -20.40 33.38
C ILE A 195 6.61 -19.36 33.78
N VAL A 196 6.12 -19.46 35.01
CA VAL A 196 5.11 -18.54 35.52
C VAL A 196 5.62 -17.11 35.64
N THR A 197 6.90 -16.96 35.94
CA THR A 197 7.47 -15.63 36.12
C THR A 197 7.93 -14.95 34.83
N GLU A 198 8.55 -15.69 33.93
CA GLU A 198 9.04 -15.08 32.69
C GLU A 198 8.35 -15.45 31.38
N ILE A 199 7.49 -16.46 31.39
CA ILE A 199 6.81 -16.87 30.16
C ILE A 199 5.30 -16.69 30.22
N PHE A 200 4.66 -17.33 31.19
CA PHE A 200 3.22 -17.21 31.32
C PHE A 200 2.78 -16.66 32.68
N PRO A 201 2.82 -15.33 32.84
CA PRO A 201 2.42 -14.71 34.10
C PRO A 201 0.98 -15.11 34.42
N GLY A 202 0.75 -15.59 35.64
CA GLY A 202 -0.59 -15.99 36.04
C GLY A 202 -0.96 -17.41 35.67
N GLY A 203 -0.09 -18.08 34.94
CA GLY A 203 -0.36 -19.46 34.55
C GLY A 203 -0.49 -20.41 35.72
N ARG A 204 -1.28 -21.45 35.55
CA ARG A 204 -1.49 -22.44 36.60
C ARG A 204 -1.97 -23.74 35.97
N LEU A 205 -1.34 -24.85 36.32
CA LEU A 205 -1.74 -26.14 35.76
C LEU A 205 -2.72 -26.90 36.62
N PRO A 206 -3.78 -27.44 35.99
CA PRO A 206 -4.79 -28.19 36.71
C PRO A 206 -4.39 -29.66 36.71
N SER A 207 -4.77 -30.39 37.74
CA SER A 207 -4.48 -31.81 37.81
C SER A 207 -5.68 -32.43 37.10
N ILE A 208 -5.56 -33.69 36.69
CA ILE A 208 -6.68 -34.35 36.02
C ILE A 208 -7.89 -34.44 36.95
N PRO A 209 -7.68 -34.87 38.21
CA PRO A 209 -8.83 -34.95 39.12
C PRO A 209 -9.52 -33.60 39.29
N MET A 210 -8.74 -32.52 39.20
CA MET A 210 -9.32 -31.19 39.36
C MET A 210 -10.27 -30.87 38.20
N VAL A 211 -9.90 -31.29 36.99
CA VAL A 211 -10.76 -31.05 35.82
C VAL A 211 -12.00 -31.93 35.93
N GLN A 212 -11.79 -33.18 36.31
CA GLN A 212 -12.88 -34.13 36.47
C GLN A 212 -13.89 -33.63 37.52
N GLU A 213 -13.37 -33.00 38.57
CA GLU A 213 -14.20 -32.47 39.66
C GLU A 213 -15.06 -31.27 39.24
N CYS A 214 -14.42 -30.26 38.66
CA CYS A 214 -15.14 -29.06 38.23
C CYS A 214 -16.15 -29.37 37.13
N ALA A 215 -15.88 -30.41 36.34
CA ALA A 215 -16.79 -30.81 35.28
C ALA A 215 -18.02 -31.47 35.87
N SER A 216 -17.80 -32.49 36.66
CA SER A 216 -18.88 -33.22 37.30
C SER A 216 -19.74 -32.32 38.20
N ALA A 217 -19.08 -31.51 39.02
CA ALA A 217 -19.77 -30.60 39.93
C ALA A 217 -20.66 -29.60 39.21
N ASN A 218 -20.38 -29.37 37.93
CA ASN A 218 -21.17 -28.42 37.16
C ASN A 218 -22.12 -29.08 36.16
N GLY A 219 -22.38 -30.37 36.37
CA GLY A 219 -23.31 -31.08 35.53
C GLY A 219 -22.81 -31.81 34.29
N PHE A 220 -21.50 -31.84 34.09
CA PHE A 220 -20.96 -32.54 32.91
C PHE A 220 -20.57 -33.97 33.19
N THR A 221 -20.56 -34.76 32.13
CA THR A 221 -20.17 -36.16 32.19
C THR A 221 -18.98 -36.30 31.24
N VAL A 222 -17.79 -36.51 31.80
CA VAL A 222 -16.59 -36.67 31.00
C VAL A 222 -16.59 -38.07 30.39
N THR A 223 -16.96 -38.16 29.12
CA THR A 223 -17.04 -39.45 28.44
C THR A 223 -15.72 -39.98 27.89
N ARG A 224 -14.68 -39.16 27.89
CA ARG A 224 -13.36 -39.60 27.42
C ARG A 224 -12.25 -38.62 27.75
N VAL A 225 -11.11 -39.17 28.14
CA VAL A 225 -9.93 -38.37 28.44
C VAL A 225 -8.82 -39.00 27.60
N GLN A 226 -8.39 -38.29 26.56
CA GLN A 226 -7.34 -38.78 25.67
C GLN A 226 -6.05 -38.01 25.89
N SER A 227 -4.97 -38.76 26.13
CA SER A 227 -3.67 -38.13 26.35
C SER A 227 -2.85 -38.03 25.07
N LEU A 228 -2.18 -36.89 24.90
CA LEU A 228 -1.34 -36.66 23.73
C LEU A 228 0.09 -36.41 24.20
N GLN A 229 0.37 -36.84 25.42
CA GLN A 229 1.67 -36.66 26.07
C GLN A 229 2.93 -36.76 25.20
N PRO A 230 3.16 -37.92 24.55
CA PRO A 230 4.35 -38.03 23.71
C PRO A 230 4.38 -37.09 22.53
N HIS A 231 3.20 -36.72 22.03
CA HIS A 231 3.11 -35.81 20.89
C HIS A 231 3.61 -34.41 21.22
N TYR A 232 3.54 -34.00 22.48
CA TYR A 232 3.98 -32.65 22.82
C TYR A 232 5.49 -32.45 22.83
N ALA A 233 6.24 -33.47 23.22
CA ALA A 233 7.70 -33.36 23.24
C ALA A 233 8.18 -33.12 21.81
N LYS A 234 7.57 -33.80 20.85
CA LYS A 234 7.94 -33.65 19.45
C LYS A 234 7.51 -32.27 18.94
N THR A 235 6.29 -31.86 19.27
CA THR A 235 5.79 -30.55 18.86
C THR A 235 6.79 -29.48 19.35
N LEU A 236 7.13 -29.56 20.63
CA LEU A 236 8.06 -28.62 21.23
C LEU A 236 9.46 -28.71 20.62
N ASP A 237 9.90 -29.92 20.29
CA ASP A 237 11.22 -30.08 19.66
C ASP A 237 11.21 -29.38 18.31
N LEU A 238 10.11 -29.52 17.56
CA LEU A 238 10.01 -28.90 16.25
C LEU A 238 9.93 -27.38 16.36
N TRP A 239 9.27 -26.89 17.41
CA TRP A 239 9.16 -25.44 17.59
C TRP A 239 10.53 -24.85 17.89
N SER A 240 11.28 -25.49 18.78
CA SER A 240 12.60 -25.01 19.16
C SER A 240 13.62 -25.10 18.03
N ALA A 241 13.51 -26.14 17.20
CA ALA A 241 14.43 -26.29 16.09
C ALA A 241 14.30 -25.10 15.14
N ALA A 242 13.06 -24.69 14.88
CA ALA A 242 12.79 -23.56 13.99
C ALA A 242 13.26 -22.23 14.59
N LEU A 243 12.88 -21.98 15.84
CA LEU A 243 13.27 -20.74 16.51
C LEU A 243 14.78 -20.56 16.45
N GLN A 244 15.51 -21.63 16.78
CA GLN A 244 16.96 -21.59 16.78
C GLN A 244 17.53 -21.23 15.40
N ALA A 245 16.99 -21.84 14.35
CA ALA A 245 17.45 -21.56 12.99
C ALA A 245 17.05 -20.15 12.60
N ASN A 246 16.08 -19.60 13.32
CA ASN A 246 15.58 -18.24 13.06
C ASN A 246 16.13 -17.28 14.12
N LYS A 247 17.18 -17.70 14.81
CA LYS A 247 17.81 -16.92 15.86
C LYS A 247 18.13 -15.48 15.47
N GLY A 248 18.83 -15.31 14.36
CA GLY A 248 19.18 -13.97 13.91
C GLY A 248 17.94 -13.11 13.72
N GLN A 249 16.88 -13.73 13.23
CA GLN A 249 15.64 -13.02 13.01
C GLN A 249 14.95 -12.71 14.34
N ALA A 250 15.06 -13.64 15.29
CA ALA A 250 14.45 -13.47 16.61
C ALA A 250 15.00 -12.26 17.37
N ILE A 251 16.30 -12.05 17.30
CA ILE A 251 16.94 -10.93 17.98
C ILE A 251 16.56 -9.59 17.35
N ALA A 252 16.54 -9.55 16.03
CA ALA A 252 16.19 -8.34 15.30
C ALA A 252 14.82 -7.82 15.72
N LEU A 253 13.81 -8.68 15.61
CA LEU A 253 12.44 -8.31 15.99
C LEU A 253 12.31 -7.97 17.47
N GLN A 254 13.08 -8.66 18.29
CA GLN A 254 13.03 -8.44 19.74
C GLN A 254 14.43 -8.17 20.26
N SER A 255 14.96 -9.10 21.05
CA SER A 255 16.30 -9.00 21.61
C SER A 255 16.80 -10.41 21.90
N GLU A 256 18.11 -10.58 21.99
CA GLU A 256 18.65 -11.90 22.26
C GLU A 256 18.23 -12.36 23.64
N GLU A 257 17.77 -11.42 24.46
CA GLU A 257 17.31 -11.74 25.80
C GLU A 257 15.99 -12.49 25.69
N VAL A 258 15.13 -12.04 24.78
CA VAL A 258 13.84 -12.68 24.55
C VAL A 258 14.06 -14.03 23.88
N TYR A 259 14.99 -14.08 22.95
CA TYR A 259 15.31 -15.33 22.24
C TYR A 259 15.75 -16.40 23.24
N GLU A 260 16.77 -16.08 24.04
CA GLU A 260 17.31 -17.01 25.04
C GLU A 260 16.21 -17.51 25.97
N ARG A 261 15.34 -16.61 26.38
CA ARG A 261 14.24 -16.97 27.28
C ARG A 261 13.31 -17.97 26.62
N TYR A 262 12.94 -17.71 25.36
CA TYR A 262 12.03 -18.62 24.67
C TYR A 262 12.65 -19.98 24.34
N MET A 263 13.95 -20.00 24.05
CA MET A 263 14.59 -21.28 23.77
C MET A 263 14.60 -22.11 25.05
N LYS A 264 14.93 -21.45 26.16
CA LYS A 264 14.97 -22.12 27.46
C LYS A 264 13.59 -22.69 27.78
N TYR A 265 12.55 -21.93 27.47
CA TYR A 265 11.18 -22.33 27.72
C TYR A 265 10.77 -23.49 26.81
N LEU A 266 10.96 -23.34 25.51
CA LEU A 266 10.59 -24.40 24.56
C LEU A 266 11.29 -25.73 24.83
N THR A 267 12.62 -25.69 24.95
CA THR A 267 13.38 -26.91 25.20
C THR A 267 13.06 -27.54 26.55
N GLY A 268 12.99 -26.70 27.59
CA GLY A 268 12.70 -27.21 28.92
C GLY A 268 11.40 -27.99 28.99
N CYS A 269 10.34 -27.41 28.44
CA CYS A 269 9.04 -28.05 28.44
C CYS A 269 9.08 -29.38 27.71
N ALA A 270 9.84 -29.43 26.61
CA ALA A 270 9.97 -30.65 25.82
C ALA A 270 10.47 -31.82 26.67
N GLU A 271 11.45 -31.55 27.53
CA GLU A 271 11.99 -32.59 28.39
C GLU A 271 10.98 -32.96 29.47
N MET A 272 10.25 -31.96 29.97
CA MET A 272 9.25 -32.19 30.99
C MET A 272 8.21 -33.18 30.50
N PHE A 273 7.83 -33.07 29.23
CA PHE A 273 6.84 -33.99 28.67
C PHE A 273 7.49 -35.34 28.39
N ARG A 274 8.75 -35.31 27.96
CA ARG A 274 9.48 -36.53 27.67
C ARG A 274 9.60 -37.43 28.90
N ILE A 275 9.93 -36.83 30.05
CA ILE A 275 10.07 -37.59 31.29
C ILE A 275 8.74 -37.88 31.99
N GLY A 276 7.69 -37.17 31.61
CA GLY A 276 6.38 -37.42 32.20
C GLY A 276 5.92 -36.60 33.39
N TYR A 277 6.59 -35.49 33.70
CA TYR A 277 6.16 -34.67 34.82
C TYR A 277 4.89 -33.91 34.48
N ILE A 278 4.66 -33.71 33.18
CA ILE A 278 3.46 -33.02 32.73
C ILE A 278 2.80 -33.81 31.62
N ASP A 279 1.50 -33.62 31.46
CA ASP A 279 0.71 -34.34 30.47
C ASP A 279 -0.19 -33.32 29.77
N VAL A 280 -0.91 -33.77 28.75
CA VAL A 280 -1.85 -32.91 28.02
C VAL A 280 -3.00 -33.82 27.64
N ASN A 281 -4.22 -33.40 27.96
CA ASN A 281 -5.38 -34.23 27.71
C ASN A 281 -6.57 -33.52 27.10
N GLN A 282 -7.34 -34.27 26.32
CA GLN A 282 -8.56 -33.76 25.71
C GLN A 282 -9.72 -34.41 26.47
N PHE A 283 -10.55 -33.59 27.10
CA PHE A 283 -11.69 -34.10 27.85
C PHE A 283 -12.98 -33.86 27.08
N THR A 284 -13.70 -34.93 26.79
CA THR A 284 -14.97 -34.81 26.09
C THR A 284 -16.03 -34.62 27.17
N CYS A 285 -16.50 -33.39 27.31
CA CYS A 285 -17.50 -33.07 28.33
C CYS A 285 -18.91 -33.07 27.75
N GLN A 286 -19.68 -34.08 28.12
CA GLN A 286 -21.05 -34.24 27.64
C GLN A 286 -22.11 -33.69 28.62
N LYS A 287 -23.01 -32.87 28.10
CA LYS A 287 -24.07 -32.31 28.92
C LYS A 287 -25.28 -33.22 28.88
N ASP B 3 -32.36 47.86 10.90
CA ASP B 3 -31.58 47.78 9.62
C ASP B 3 -31.83 49.00 8.76
N GLU B 4 -30.82 49.40 7.99
CA GLU B 4 -30.92 50.55 7.10
C GLU B 4 -31.75 50.07 5.91
N LEU B 5 -31.42 48.88 5.43
CA LEU B 5 -32.13 48.25 4.33
C LEU B 5 -32.61 46.91 4.86
N LYS B 6 -33.92 46.76 5.00
CA LYS B 6 -34.48 45.52 5.52
C LYS B 6 -34.58 44.49 4.40
N PRO B 7 -33.96 43.31 4.60
CA PRO B 7 -34.01 42.27 3.57
C PRO B 7 -35.47 41.90 3.32
N HIS B 8 -35.79 41.43 2.12
CA HIS B 8 -37.16 41.03 1.81
C HIS B 8 -37.38 39.57 2.15
N PHE B 9 -37.34 39.24 3.44
CA PHE B 9 -37.51 37.86 3.90
C PHE B 9 -38.82 37.23 3.42
N ALA B 10 -39.92 37.94 3.59
CA ALA B 10 -41.23 37.42 3.20
C ALA B 10 -41.32 37.00 1.74
N ASN B 11 -40.95 37.89 0.83
CA ASN B 11 -41.01 37.60 -0.60
C ASN B 11 -40.11 36.42 -0.97
N VAL B 12 -38.94 36.36 -0.36
CA VAL B 12 -38.00 35.29 -0.66
C VAL B 12 -38.44 33.98 -0.03
N GLN B 13 -38.83 34.03 1.24
CA GLN B 13 -39.29 32.83 1.94
C GLN B 13 -40.54 32.25 1.29
N ALA B 14 -41.31 33.12 0.65
CA ALA B 14 -42.52 32.68 -0.02
C ALA B 14 -42.21 31.56 -1.01
N HIS B 15 -41.03 31.61 -1.62
CA HIS B 15 -40.65 30.58 -2.59
C HIS B 15 -39.82 29.47 -1.97
N TYR B 16 -38.61 29.82 -1.53
CA TYR B 16 -37.68 28.84 -0.97
C TYR B 16 -38.07 28.08 0.30
N ASP B 17 -39.03 28.59 1.06
CA ASP B 17 -39.44 27.87 2.26
C ASP B 17 -40.69 27.03 2.06
N LEU B 18 -41.04 26.78 0.81
CA LEU B 18 -42.22 25.97 0.53
C LEU B 18 -42.09 24.62 1.22
N SER B 19 -40.96 23.97 0.99
CA SER B 19 -40.68 22.66 1.57
C SER B 19 -39.47 22.02 0.89
N ASP B 20 -38.48 21.60 1.67
CA ASP B 20 -37.31 20.97 1.06
C ASP B 20 -37.70 19.67 0.39
N ASP B 21 -38.60 18.94 1.02
CA ASP B 21 -39.06 17.67 0.46
C ASP B 21 -39.61 17.88 -0.93
N PHE B 22 -40.29 19.00 -1.15
CA PHE B 22 -40.85 19.31 -2.47
C PHE B 22 -39.76 19.63 -3.49
N PHE B 23 -38.85 20.53 -3.14
CA PHE B 23 -37.78 20.89 -4.06
C PHE B 23 -36.93 19.67 -4.39
N ARG B 24 -36.79 18.78 -3.41
CA ARG B 24 -36.01 17.57 -3.62
C ARG B 24 -36.59 16.69 -4.73
N LEU B 25 -37.84 16.93 -5.08
CA LEU B 25 -38.52 16.19 -6.13
C LEU B 25 -38.06 16.56 -7.54
N PHE B 26 -37.36 17.67 -7.70
CA PHE B 26 -36.91 18.03 -9.05
C PHE B 26 -35.46 18.53 -9.16
N LEU B 27 -34.86 18.95 -8.05
CA LEU B 27 -33.47 19.42 -8.11
C LEU B 27 -32.53 18.22 -8.03
N ASP B 28 -31.31 18.37 -8.53
CA ASP B 28 -30.34 17.29 -8.48
C ASP B 28 -29.98 17.11 -7.00
N PRO B 29 -29.30 15.99 -6.64
CA PRO B 29 -28.92 15.74 -5.26
C PRO B 29 -28.24 16.89 -4.48
N THR B 30 -27.44 17.71 -5.16
CA THR B 30 -26.75 18.82 -4.51
C THR B 30 -27.72 19.96 -4.17
N GLN B 31 -28.94 19.87 -4.68
CA GLN B 31 -29.98 20.87 -4.45
C GLN B 31 -29.59 22.22 -5.04
N THR B 32 -28.76 22.19 -6.07
CA THR B 32 -28.34 23.42 -6.75
C THR B 32 -29.58 23.90 -7.50
N TYR B 33 -29.93 25.17 -7.31
CA TYR B 33 -31.14 25.74 -7.93
C TYR B 33 -30.77 26.92 -8.82
N SER B 34 -30.03 26.64 -9.88
CA SER B 34 -29.61 27.65 -10.85
C SER B 34 -29.14 26.94 -12.11
N CYS B 35 -28.83 27.71 -13.15
CA CYS B 35 -28.42 27.12 -14.43
C CYS B 35 -27.21 26.20 -14.36
N ALA B 36 -27.37 24.99 -14.89
CA ALA B 36 -26.27 24.03 -14.91
C ALA B 36 -25.37 24.35 -16.10
N TYR B 37 -24.19 23.74 -16.14
CA TYR B 37 -23.25 23.97 -17.22
C TYR B 37 -22.83 22.66 -17.87
N PHE B 38 -23.48 22.32 -18.98
CA PHE B 38 -23.20 21.08 -19.69
C PHE B 38 -21.96 21.24 -20.56
N GLU B 39 -20.82 21.25 -19.87
CA GLU B 39 -19.52 21.39 -20.48
C GLU B 39 -19.34 20.31 -21.54
N ARG B 40 -19.94 19.15 -21.28
CA ARG B 40 -19.90 18.01 -22.20
C ARG B 40 -21.35 17.62 -22.49
N ASP B 41 -21.62 17.16 -23.71
CA ASP B 41 -22.98 16.78 -24.09
C ASP B 41 -23.51 15.51 -23.42
N ASP B 42 -22.69 14.88 -22.60
CA ASP B 42 -23.12 13.64 -21.94
C ASP B 42 -23.32 13.77 -20.43
N MET B 43 -23.05 14.95 -19.88
CA MET B 43 -23.18 15.15 -18.44
C MET B 43 -24.58 14.96 -17.89
N THR B 44 -24.64 14.45 -16.66
CA THR B 44 -25.91 14.27 -15.97
C THR B 44 -26.17 15.65 -15.37
N LEU B 45 -27.37 15.86 -14.83
CA LEU B 45 -27.69 17.15 -14.23
C LEU B 45 -26.71 17.46 -13.11
N GLN B 46 -26.46 16.46 -12.27
CA GLN B 46 -25.55 16.63 -11.14
C GLN B 46 -24.15 17.02 -11.59
N GLU B 47 -23.64 16.35 -12.63
CA GLU B 47 -22.31 16.64 -13.14
C GLU B 47 -22.25 18.06 -13.68
N ALA B 48 -23.31 18.47 -14.38
CA ALA B 48 -23.37 19.80 -14.97
C ALA B 48 -23.49 20.91 -13.92
N GLN B 49 -24.12 20.61 -12.79
CA GLN B 49 -24.26 21.61 -11.74
C GLN B 49 -22.90 21.81 -11.07
N ILE B 50 -22.17 20.71 -10.89
CA ILE B 50 -20.85 20.81 -10.30
C ILE B 50 -19.95 21.58 -11.27
N ALA B 51 -20.13 21.33 -12.57
CA ALA B 51 -19.33 22.03 -13.58
C ALA B 51 -19.60 23.52 -13.55
N LYS B 52 -20.85 23.89 -13.28
CA LYS B 52 -21.23 25.30 -13.21
C LYS B 52 -20.57 25.91 -11.97
N ILE B 53 -20.59 25.17 -10.87
CA ILE B 53 -19.98 25.65 -9.65
C ILE B 53 -18.48 25.90 -9.85
N ASP B 54 -17.81 24.95 -10.51
CA ASP B 54 -16.38 25.05 -10.79
C ASP B 54 -16.08 26.21 -11.75
N LEU B 55 -16.99 26.48 -12.68
CA LEU B 55 -16.81 27.57 -13.62
C LEU B 55 -16.80 28.88 -12.84
N ALA B 56 -17.76 29.01 -11.92
CA ALA B 56 -17.85 30.22 -11.12
C ALA B 56 -16.65 30.39 -10.17
N LEU B 57 -16.40 29.38 -9.36
CA LEU B 57 -15.30 29.43 -8.40
C LEU B 57 -13.93 29.55 -9.08
N GLY B 58 -13.83 28.99 -10.28
CA GLY B 58 -12.57 29.04 -11.01
C GLY B 58 -12.16 30.41 -11.52
N LYS B 59 -13.07 31.38 -11.48
CA LYS B 59 -12.76 32.73 -11.94
C LYS B 59 -12.39 33.62 -10.76
N LEU B 60 -12.44 33.09 -9.55
CA LEU B 60 -12.15 33.87 -8.36
C LEU B 60 -10.70 33.96 -7.88
N GLY B 61 -9.84 33.08 -8.38
CA GLY B 61 -8.45 33.12 -7.94
C GLY B 61 -8.31 32.68 -6.49
N LEU B 62 -9.08 31.67 -6.11
CA LEU B 62 -9.04 31.17 -4.74
C LEU B 62 -7.70 30.55 -4.36
N GLN B 63 -7.38 30.66 -3.09
CA GLN B 63 -6.16 30.10 -2.52
C GLN B 63 -6.54 29.58 -1.15
N PRO B 64 -5.83 28.56 -0.65
CA PRO B 64 -6.15 28.01 0.66
C PRO B 64 -6.15 29.08 1.75
N GLY B 65 -7.16 29.05 2.63
CA GLY B 65 -7.21 30.03 3.71
C GLY B 65 -8.01 31.30 3.44
N MET B 66 -8.39 31.55 2.20
CA MET B 66 -9.18 32.74 1.91
C MET B 66 -10.58 32.53 2.49
N THR B 67 -11.34 33.61 2.61
CA THR B 67 -12.71 33.50 3.10
C THR B 67 -13.61 33.90 1.96
N LEU B 68 -14.40 32.95 1.49
CA LEU B 68 -15.33 33.19 0.39
C LEU B 68 -16.74 33.48 0.91
N LEU B 69 -17.35 34.54 0.39
CA LEU B 69 -18.70 34.89 0.77
C LEU B 69 -19.65 34.46 -0.34
N ASP B 70 -20.63 33.63 -0.01
CA ASP B 70 -21.62 33.21 -0.99
C ASP B 70 -22.90 33.96 -0.63
N VAL B 71 -23.25 34.98 -1.40
CA VAL B 71 -24.45 35.78 -1.17
C VAL B 71 -25.63 35.04 -1.79
N GLY B 72 -26.50 34.48 -0.93
CA GLY B 72 -27.66 33.74 -1.40
C GLY B 72 -27.23 32.31 -1.67
N CYS B 73 -26.70 31.66 -0.63
CA CYS B 73 -26.15 30.30 -0.70
C CYS B 73 -27.07 29.12 -1.02
N GLY B 74 -28.37 29.35 -1.05
CA GLY B 74 -29.28 28.25 -1.34
C GLY B 74 -29.09 27.11 -0.35
N TRP B 75 -29.11 25.88 -0.84
CA TRP B 75 -28.92 24.72 0.02
C TRP B 75 -27.45 24.32 0.26
N GLY B 76 -26.54 25.26 0.00
CA GLY B 76 -25.12 25.07 0.27
C GLY B 76 -24.15 24.27 -0.58
N ALA B 77 -24.54 23.81 -1.75
CA ALA B 77 -23.62 23.02 -2.58
C ALA B 77 -22.37 23.80 -2.98
N THR B 78 -22.52 25.09 -3.30
CA THR B 78 -21.40 25.91 -3.71
C THR B 78 -20.40 26.14 -2.58
N MET B 79 -20.90 26.47 -1.38
CA MET B 79 -20.05 26.69 -0.21
C MET B 79 -19.22 25.45 0.08
N MET B 80 -19.90 24.31 0.15
CA MET B 80 -19.25 23.06 0.47
C MET B 80 -18.22 22.65 -0.57
N ARG B 81 -18.52 22.89 -1.84
CA ARG B 81 -17.59 22.58 -2.92
C ARG B 81 -16.36 23.47 -2.75
N ALA B 82 -16.58 24.73 -2.39
CA ALA B 82 -15.49 25.67 -2.19
C ALA B 82 -14.57 25.18 -1.07
N VAL B 83 -15.17 24.72 0.02
CA VAL B 83 -14.42 24.22 1.15
C VAL B 83 -13.64 22.95 0.76
N GLU B 84 -14.37 21.98 0.23
CA GLU B 84 -13.78 20.70 -0.13
C GLU B 84 -12.82 20.65 -1.31
N LYS B 85 -13.15 21.32 -2.41
CA LYS B 85 -12.29 21.28 -3.57
C LYS B 85 -11.23 22.38 -3.65
N TYR B 86 -11.51 23.55 -3.07
CA TYR B 86 -10.56 24.65 -3.12
C TYR B 86 -9.91 25.03 -1.80
N ASP B 87 -10.33 24.36 -0.73
CA ASP B 87 -9.79 24.56 0.61
C ASP B 87 -9.85 25.99 1.18
N VAL B 88 -10.99 26.65 1.01
CA VAL B 88 -11.16 28.00 1.54
C VAL B 88 -12.20 28.00 2.64
N ASN B 89 -12.20 29.04 3.47
CA ASN B 89 -13.21 29.16 4.53
C ASN B 89 -14.39 29.78 3.80
N VAL B 90 -15.60 29.54 4.29
CA VAL B 90 -16.79 30.09 3.63
C VAL B 90 -17.84 30.65 4.59
N VAL B 91 -18.58 31.64 4.10
CA VAL B 91 -19.67 32.25 4.84
C VAL B 91 -20.81 32.34 3.82
N GLY B 92 -21.95 31.75 4.15
CA GLY B 92 -23.08 31.81 3.25
C GLY B 92 -24.22 32.60 3.84
N LEU B 93 -24.92 33.36 3.01
CA LEU B 93 -26.05 34.17 3.44
C LEU B 93 -27.30 33.70 2.69
N THR B 94 -28.43 33.67 3.38
CA THR B 94 -29.70 33.29 2.76
C THR B 94 -30.85 33.83 3.60
N LEU B 95 -31.96 34.17 2.96
CA LEU B 95 -33.12 34.70 3.67
C LEU B 95 -34.12 33.56 3.92
N SER B 96 -33.77 32.37 3.46
CA SER B 96 -34.62 31.19 3.63
C SER B 96 -34.36 30.42 4.92
N LYS B 97 -35.41 30.27 5.73
CA LYS B 97 -35.29 29.55 6.99
C LYS B 97 -34.89 28.09 6.74
N ASN B 98 -35.54 27.47 5.76
CA ASN B 98 -35.26 26.07 5.44
C ASN B 98 -33.84 25.87 4.92
N GLN B 99 -33.36 26.80 4.11
CA GLN B 99 -32.01 26.67 3.59
C GLN B 99 -30.99 26.84 4.70
N ALA B 100 -31.20 27.84 5.56
CA ALA B 100 -30.27 28.05 6.66
C ALA B 100 -30.16 26.80 7.52
N ASN B 101 -31.32 26.20 7.84
CA ASN B 101 -31.36 24.99 8.65
C ASN B 101 -30.60 23.83 8.01
N HIS B 102 -30.88 23.58 6.74
CA HIS B 102 -30.22 22.51 6.01
C HIS B 102 -28.71 22.72 6.00
N VAL B 103 -28.28 23.90 5.56
CA VAL B 103 -26.86 24.20 5.49
C VAL B 103 -26.17 24.08 6.85
N GLN B 104 -26.85 24.50 7.91
CA GLN B 104 -26.27 24.39 9.25
C GLN B 104 -25.98 22.92 9.56
N GLN B 105 -26.81 22.03 9.05
CA GLN B 105 -26.65 20.59 9.23
C GLN B 105 -25.41 20.13 8.48
N LEU B 106 -25.20 20.66 7.28
CA LEU B 106 -24.03 20.31 6.47
C LEU B 106 -22.77 20.76 7.19
N VAL B 107 -22.85 21.93 7.83
CA VAL B 107 -21.72 22.50 8.56
C VAL B 107 -21.41 21.66 9.79
N ALA B 108 -22.43 21.31 10.55
CA ALA B 108 -22.24 20.51 11.77
C ALA B 108 -21.68 19.13 11.46
N ASN B 109 -22.03 18.59 10.30
CA ASN B 109 -21.58 17.25 9.92
C ASN B 109 -20.28 17.20 9.13
N SER B 110 -19.72 18.35 8.79
CA SER B 110 -18.49 18.37 8.01
C SER B 110 -17.27 17.97 8.82
N GLU B 111 -16.36 17.25 8.16
CA GLU B 111 -15.12 16.78 8.78
C GLU B 111 -13.95 17.62 8.31
N ASN B 112 -14.23 18.60 7.44
CA ASN B 112 -13.20 19.47 6.91
C ASN B 112 -12.89 20.53 7.97
N LEU B 113 -11.61 20.86 8.14
CA LEU B 113 -11.18 21.81 9.15
C LEU B 113 -11.47 23.29 8.90
N ARG B 114 -11.74 23.68 7.67
CA ARG B 114 -11.99 25.10 7.39
C ARG B 114 -13.24 25.65 8.08
N SER B 115 -13.26 26.96 8.29
CA SER B 115 -14.38 27.62 8.90
C SER B 115 -15.53 27.71 7.90
N LYS B 116 -16.74 27.39 8.37
CA LYS B 116 -17.93 27.42 7.52
C LYS B 116 -19.08 27.95 8.36
N ARG B 117 -19.72 29.02 7.89
CA ARG B 117 -20.84 29.61 8.60
C ARG B 117 -21.97 29.91 7.63
N VAL B 118 -23.21 29.79 8.12
CA VAL B 118 -24.37 30.14 7.32
C VAL B 118 -25.20 31.07 8.20
N LEU B 119 -25.70 32.15 7.60
CA LEU B 119 -26.47 33.11 8.36
C LEU B 119 -27.82 33.39 7.72
N LEU B 120 -28.86 33.43 8.55
CA LEU B 120 -30.19 33.74 8.05
C LEU B 120 -30.15 35.26 8.07
N ALA B 121 -29.62 35.84 7.00
CA ALA B 121 -29.48 37.28 6.90
C ALA B 121 -29.25 37.71 5.46
N GLY B 122 -29.54 38.96 5.16
CA GLY B 122 -29.31 39.42 3.80
C GLY B 122 -27.94 40.06 3.73
N TRP B 123 -27.46 40.34 2.53
CA TRP B 123 -26.16 40.99 2.41
C TRP B 123 -26.32 42.38 3.03
N GLU B 124 -27.57 42.83 3.11
CA GLU B 124 -27.88 44.14 3.68
C GLU B 124 -27.53 44.17 5.17
N GLN B 125 -27.36 42.99 5.75
CA GLN B 125 -27.05 42.87 7.18
C GLN B 125 -25.66 42.27 7.42
N PHE B 126 -24.86 42.13 6.37
CA PHE B 126 -23.52 41.55 6.49
C PHE B 126 -22.45 42.65 6.40
N ASP B 127 -21.64 42.76 7.44
CA ASP B 127 -20.60 43.80 7.50
C ASP B 127 -19.25 43.25 7.96
N GLU B 128 -18.74 42.26 7.25
CA GLU B 128 -17.47 41.64 7.59
C GLU B 128 -16.52 41.60 6.37
N PRO B 129 -15.21 41.83 6.60
CA PRO B 129 -14.28 41.80 5.47
C PRO B 129 -14.18 40.36 4.96
N VAL B 130 -14.12 40.19 3.64
CA VAL B 130 -13.99 38.87 3.04
C VAL B 130 -12.96 38.95 1.90
N ASP B 131 -12.49 37.80 1.42
CA ASP B 131 -11.48 37.78 0.36
C ASP B 131 -12.05 37.72 -1.04
N ARG B 132 -13.11 36.96 -1.23
CA ARG B 132 -13.73 36.82 -2.54
C ARG B 132 -15.24 36.65 -2.38
N ILE B 133 -15.98 36.95 -3.44
CA ILE B 133 -17.43 36.85 -3.39
C ILE B 133 -18.03 36.13 -4.59
N VAL B 134 -18.99 35.25 -4.32
CA VAL B 134 -19.68 34.56 -5.37
C VAL B 134 -21.17 34.70 -5.09
N SER B 135 -21.97 34.89 -6.13
CA SER B 135 -23.42 35.02 -5.98
C SER B 135 -24.08 34.51 -7.25
N ILE B 136 -24.82 33.41 -7.10
CA ILE B 136 -25.50 32.75 -8.22
C ILE B 136 -27.01 32.71 -8.05
N GLY B 137 -27.73 33.45 -8.89
CA GLY B 137 -29.19 33.45 -8.85
C GLY B 137 -29.86 34.13 -7.67
N ALA B 138 -29.17 35.08 -7.04
CA ALA B 138 -29.74 35.81 -5.91
C ALA B 138 -30.06 37.25 -6.35
N PHE B 139 -29.21 37.78 -7.22
CA PHE B 139 -29.34 39.13 -7.73
C PHE B 139 -30.77 39.45 -8.17
N GLU B 140 -31.40 38.46 -8.79
CA GLU B 140 -32.77 38.60 -9.30
C GLU B 140 -33.77 38.99 -8.21
N HIS B 141 -33.44 38.70 -6.96
CA HIS B 141 -34.31 39.01 -5.83
C HIS B 141 -33.94 40.33 -5.16
N PHE B 142 -32.79 40.90 -5.52
CA PHE B 142 -32.34 42.15 -4.91
C PHE B 142 -33.22 43.35 -5.21
N GLY B 143 -33.62 43.48 -6.47
CA GLY B 143 -34.45 44.60 -6.88
C GLY B 143 -33.59 45.71 -7.45
N HIS B 144 -34.05 46.30 -8.55
CA HIS B 144 -33.32 47.39 -9.21
C HIS B 144 -32.79 48.41 -8.22
N GLU B 145 -33.65 48.86 -7.31
CA GLU B 145 -33.29 49.86 -6.32
C GLU B 145 -32.08 49.57 -5.44
N ARG B 146 -31.78 48.29 -5.21
CA ARG B 146 -30.66 47.95 -4.34
C ARG B 146 -29.38 47.51 -5.06
N TYR B 147 -29.39 47.51 -6.39
CA TYR B 147 -28.21 47.12 -7.18
C TYR B 147 -27.00 47.94 -6.81
N ASP B 148 -27.19 49.25 -6.70
CA ASP B 148 -26.09 50.15 -6.36
C ASP B 148 -25.54 49.80 -4.98
N ALA B 149 -26.43 49.69 -4.00
CA ALA B 149 -26.02 49.37 -2.65
C ALA B 149 -25.27 48.04 -2.60
N PHE B 150 -25.72 47.07 -3.41
CA PHE B 150 -25.08 45.77 -3.41
C PHE B 150 -23.62 45.81 -3.88
N PHE B 151 -23.39 46.36 -5.07
CA PHE B 151 -22.03 46.44 -5.59
C PHE B 151 -21.14 47.29 -4.70
N SER B 152 -21.71 48.33 -4.11
CA SER B 152 -20.93 49.20 -3.21
C SER B 152 -20.44 48.36 -2.03
N LEU B 153 -21.33 47.56 -1.46
CA LEU B 153 -20.98 46.71 -0.33
C LEU B 153 -19.93 45.68 -0.75
N ALA B 154 -20.17 45.05 -1.89
CA ALA B 154 -19.25 44.03 -2.42
C ALA B 154 -17.86 44.64 -2.61
N HIS B 155 -17.81 45.82 -3.21
CA HIS B 155 -16.54 46.48 -3.45
C HIS B 155 -15.88 46.87 -2.13
N ARG B 156 -16.69 47.28 -1.15
CA ARG B 156 -16.17 47.69 0.15
C ARG B 156 -15.61 46.53 0.98
N LEU B 157 -16.34 45.44 1.07
CA LEU B 157 -15.91 44.28 1.85
C LEU B 157 -14.72 43.51 1.27
N LEU B 158 -14.56 43.57 -0.05
CA LEU B 158 -13.45 42.87 -0.72
C LEU B 158 -12.12 43.57 -0.50
N PRO B 159 -11.00 42.84 -0.64
CA PRO B 159 -9.66 43.41 -0.45
C PRO B 159 -9.23 44.11 -1.74
N ALA B 160 -8.03 44.67 -1.75
CA ALA B 160 -7.53 45.37 -2.92
C ALA B 160 -7.60 44.52 -4.19
N ASP B 161 -7.20 43.25 -4.09
CA ASP B 161 -7.22 42.35 -5.25
C ASP B 161 -8.54 41.58 -5.33
N GLY B 162 -9.55 42.06 -4.62
CA GLY B 162 -10.84 41.40 -4.59
C GLY B 162 -11.47 41.09 -5.93
N VAL B 163 -12.29 40.04 -5.94
CA VAL B 163 -13.00 39.60 -7.15
C VAL B 163 -14.35 39.03 -6.77
N MET B 164 -15.37 39.40 -7.53
CA MET B 164 -16.71 38.87 -7.29
C MET B 164 -17.22 38.30 -8.60
N LEU B 165 -17.73 37.08 -8.55
CA LEU B 165 -18.29 36.47 -9.74
C LEU B 165 -19.80 36.58 -9.53
N LEU B 166 -20.43 37.43 -10.34
CA LEU B 166 -21.86 37.65 -10.25
C LEU B 166 -22.56 36.91 -11.37
N HIS B 167 -23.37 35.93 -10.99
CA HIS B 167 -24.11 35.09 -11.93
C HIS B 167 -25.59 35.43 -11.76
N THR B 168 -26.22 35.87 -12.84
CA THR B 168 -27.64 36.24 -12.78
C THR B 168 -28.35 36.12 -14.12
N ILE B 169 -29.65 35.89 -14.03
CA ILE B 169 -30.48 35.82 -15.21
C ILE B 169 -30.62 37.26 -15.64
N THR B 170 -30.68 37.49 -16.95
CA THR B 170 -30.85 38.85 -17.47
C THR B 170 -32.00 38.79 -18.47
N GLY B 171 -32.67 39.91 -18.69
CA GLY B 171 -33.79 39.91 -19.62
C GLY B 171 -33.85 41.08 -20.56
N LEU B 172 -34.54 40.88 -21.68
CA LEU B 172 -34.72 41.90 -22.69
C LEU B 172 -36.02 42.64 -22.42
N HIS B 173 -36.08 43.92 -22.78
CA HIS B 173 -37.28 44.71 -22.57
C HIS B 173 -38.29 44.46 -23.68
N PRO B 174 -39.58 44.64 -23.39
CA PRO B 174 -40.67 44.43 -24.36
C PRO B 174 -40.55 45.34 -25.59
N LYS B 175 -39.37 45.95 -25.76
CA LYS B 175 -39.12 46.83 -26.88
C LYS B 175 -38.06 46.23 -27.80
N GLU B 176 -37.15 45.47 -27.21
CA GLU B 176 -36.07 44.82 -27.97
C GLU B 176 -36.42 43.38 -28.32
N ILE B 177 -37.50 42.87 -27.75
CA ILE B 177 -37.96 41.51 -28.02
C ILE B 177 -38.66 41.55 -29.37
N HIS B 178 -39.27 42.71 -29.65
CA HIS B 178 -39.97 42.93 -30.90
C HIS B 178 -38.98 43.00 -32.06
N GLU B 179 -37.86 43.69 -31.83
CA GLU B 179 -36.83 43.86 -32.85
C GLU B 179 -36.10 42.58 -33.24
N ARG B 180 -36.67 41.43 -32.88
CA ARG B 180 -36.04 40.15 -33.23
C ARG B 180 -37.02 39.22 -33.93
N GLY B 181 -38.17 39.75 -34.33
CA GLY B 181 -39.17 38.93 -35.00
C GLY B 181 -39.87 38.00 -34.03
N LEU B 182 -40.04 38.48 -32.81
CA LEU B 182 -40.70 37.71 -31.76
C LEU B 182 -42.12 38.22 -31.56
N PRO B 183 -43.13 37.45 -32.03
CA PRO B 183 -44.54 37.84 -31.89
C PRO B 183 -45.05 37.73 -30.46
N MET B 184 -44.66 36.65 -29.78
CA MET B 184 -45.08 36.37 -28.42
C MET B 184 -44.70 37.40 -27.36
N SER B 185 -44.96 38.68 -27.65
CA SER B 185 -44.64 39.72 -26.68
C SER B 185 -45.66 39.70 -25.54
N PHE B 186 -46.91 39.40 -25.88
CA PHE B 186 -47.98 39.34 -24.88
C PHE B 186 -47.88 38.07 -24.05
N THR B 187 -47.55 36.96 -24.70
CA THR B 187 -47.42 35.69 -23.99
C THR B 187 -46.31 35.83 -22.96
N PHE B 188 -45.18 36.40 -23.38
CA PHE B 188 -44.05 36.58 -22.47
C PHE B 188 -44.42 37.59 -21.38
N ALA B 189 -45.19 38.61 -21.76
CA ALA B 189 -45.61 39.62 -20.80
C ALA B 189 -46.51 38.97 -19.77
N ARG B 190 -47.45 38.16 -20.26
CA ARG B 190 -48.38 37.43 -19.43
C ARG B 190 -47.62 36.47 -18.52
N PHE B 191 -46.62 35.77 -19.08
CA PHE B 191 -45.84 34.82 -18.31
C PHE B 191 -45.05 35.53 -17.21
N LEU B 192 -44.46 36.67 -17.56
CA LEU B 192 -43.69 37.46 -16.58
C LEU B 192 -44.57 37.83 -15.40
N LYS B 193 -45.83 38.15 -15.69
CA LYS B 193 -46.79 38.52 -14.67
C LYS B 193 -47.06 37.31 -13.80
N PHE B 194 -47.22 36.14 -14.42
CA PHE B 194 -47.46 34.92 -13.68
C PHE B 194 -46.29 34.65 -12.72
N ILE B 195 -45.07 34.77 -13.23
CA ILE B 195 -43.87 34.53 -12.44
C ILE B 195 -43.75 35.39 -11.19
N VAL B 196 -43.89 36.71 -11.36
CA VAL B 196 -43.77 37.62 -10.23
C VAL B 196 -44.92 37.54 -9.24
N THR B 197 -46.10 37.14 -9.68
CA THR B 197 -47.21 37.08 -8.75
C THR B 197 -47.39 35.73 -8.08
N GLU B 198 -47.06 34.64 -8.78
CA GLU B 198 -47.24 33.31 -8.21
C GLU B 198 -45.97 32.51 -7.90
N ILE B 199 -44.83 32.93 -8.42
CA ILE B 199 -43.59 32.19 -8.18
C ILE B 199 -42.54 32.95 -7.37
N PHE B 200 -42.10 34.08 -7.91
CA PHE B 200 -41.09 34.89 -7.27
C PHE B 200 -41.55 36.32 -6.96
N PRO B 201 -42.29 36.50 -5.85
CA PRO B 201 -42.77 37.83 -5.49
C PRO B 201 -41.56 38.75 -5.30
N GLY B 202 -41.63 39.96 -5.83
CA GLY B 202 -40.52 40.89 -5.68
C GLY B 202 -39.39 40.70 -6.68
N GLY B 203 -39.44 39.60 -7.43
CA GLY B 203 -38.41 39.33 -8.41
C GLY B 203 -38.33 40.41 -9.49
N ARG B 204 -37.12 40.62 -10.02
CA ARG B 204 -36.91 41.61 -11.07
C ARG B 204 -35.65 41.21 -11.83
N LEU B 205 -35.70 41.27 -13.15
CA LEU B 205 -34.54 40.92 -13.95
C LEU B 205 -33.77 42.15 -14.41
N PRO B 206 -32.43 42.09 -14.34
CA PRO B 206 -31.64 43.24 -14.77
C PRO B 206 -31.31 43.05 -16.25
N SER B 207 -30.89 44.11 -16.92
CA SER B 207 -30.50 44.01 -18.31
C SER B 207 -28.98 43.90 -18.23
N ILE B 208 -28.33 43.40 -19.27
CA ILE B 208 -26.88 43.30 -19.22
C ILE B 208 -26.27 44.69 -19.05
N PRO B 209 -26.75 45.69 -19.82
CA PRO B 209 -26.20 47.04 -19.69
C PRO B 209 -26.33 47.57 -18.25
N MET B 210 -27.48 47.27 -17.64
CA MET B 210 -27.75 47.70 -16.27
C MET B 210 -26.70 47.14 -15.31
N VAL B 211 -26.41 45.85 -15.41
CA VAL B 211 -25.41 45.24 -14.55
C VAL B 211 -24.05 45.89 -14.79
N GLN B 212 -23.72 46.06 -16.07
CA GLN B 212 -22.45 46.66 -16.45
C GLN B 212 -22.21 48.05 -15.86
N GLU B 213 -23.22 48.92 -15.95
CA GLU B 213 -23.07 50.28 -15.43
C GLU B 213 -22.96 50.33 -13.91
N CYS B 214 -23.77 49.50 -13.23
CA CYS B 214 -23.75 49.46 -11.77
C CYS B 214 -22.40 49.01 -11.23
N ALA B 215 -21.87 47.94 -11.78
CA ALA B 215 -20.57 47.42 -11.35
C ALA B 215 -19.47 48.46 -11.52
N SER B 216 -19.41 49.04 -12.72
CA SER B 216 -18.40 50.05 -13.04
C SER B 216 -18.56 51.29 -12.17
N ALA B 217 -19.79 51.77 -12.02
CA ALA B 217 -20.04 52.95 -11.21
C ALA B 217 -19.57 52.77 -9.78
N ASN B 218 -19.39 51.52 -9.35
CA ASN B 218 -18.98 51.24 -7.98
C ASN B 218 -17.55 50.74 -7.81
N GLY B 219 -16.70 50.99 -8.79
CA GLY B 219 -15.31 50.58 -8.67
C GLY B 219 -14.90 49.24 -9.26
N PHE B 220 -15.85 48.51 -9.84
CA PHE B 220 -15.52 47.22 -10.43
C PHE B 220 -15.28 47.32 -11.93
N THR B 221 -14.38 46.47 -12.41
CA THR B 221 -14.11 46.40 -13.84
C THR B 221 -14.65 45.02 -14.21
N VAL B 222 -15.59 44.97 -15.15
CA VAL B 222 -16.15 43.71 -15.59
C VAL B 222 -15.22 43.16 -16.67
N THR B 223 -14.33 42.24 -16.29
CA THR B 223 -13.36 41.69 -17.23
C THR B 223 -13.92 40.60 -18.15
N ARG B 224 -15.09 40.06 -17.81
CA ARG B 224 -15.69 39.03 -18.64
C ARG B 224 -17.17 38.79 -18.36
N VAL B 225 -17.92 38.60 -19.43
CA VAL B 225 -19.35 38.30 -19.35
C VAL B 225 -19.49 37.02 -20.17
N GLN B 226 -19.97 35.97 -19.53
CA GLN B 226 -20.17 34.69 -20.21
C GLN B 226 -21.61 34.24 -20.10
N SER B 227 -22.22 33.98 -21.26
CA SER B 227 -23.60 33.54 -21.33
C SER B 227 -23.72 32.02 -21.27
N LEU B 228 -24.70 31.54 -20.52
CA LEU B 228 -24.95 30.10 -20.39
C LEU B 228 -26.35 29.82 -20.92
N GLN B 229 -26.87 30.77 -21.69
CA GLN B 229 -28.22 30.69 -22.24
C GLN B 229 -28.64 29.31 -22.72
N PRO B 230 -27.86 28.69 -23.62
CA PRO B 230 -28.20 27.37 -24.14
C PRO B 230 -28.43 26.34 -23.03
N HIS B 231 -27.64 26.45 -21.97
CA HIS B 231 -27.72 25.51 -20.86
C HIS B 231 -28.95 25.57 -19.96
N TYR B 232 -29.58 26.74 -19.85
CA TYR B 232 -30.75 26.84 -18.97
C TYR B 232 -31.97 26.11 -19.47
N ALA B 233 -32.21 26.15 -20.78
CA ALA B 233 -33.35 25.45 -21.33
C ALA B 233 -33.24 23.97 -20.95
N LYS B 234 -32.06 23.40 -21.14
CA LYS B 234 -31.83 22.00 -20.80
C LYS B 234 -32.04 21.75 -19.31
N THR B 235 -31.49 22.62 -18.48
CA THR B 235 -31.62 22.49 -17.04
C THR B 235 -33.08 22.40 -16.62
N LEU B 236 -33.86 23.41 -17.02
CA LEU B 236 -35.28 23.45 -16.67
C LEU B 236 -36.04 22.23 -17.19
N ASP B 237 -35.69 21.75 -18.39
CA ASP B 237 -36.36 20.57 -18.93
C ASP B 237 -36.09 19.36 -18.04
N LEU B 238 -34.86 19.27 -17.53
CA LEU B 238 -34.49 18.17 -16.65
C LEU B 238 -35.24 18.29 -15.34
N TRP B 239 -35.47 19.52 -14.89
CA TRP B 239 -36.18 19.75 -13.64
C TRP B 239 -37.65 19.41 -13.82
N SER B 240 -38.25 19.86 -14.93
CA SER B 240 -39.67 19.59 -15.17
C SER B 240 -39.95 18.11 -15.35
N ALA B 241 -39.04 17.39 -16.01
CA ALA B 241 -39.22 15.96 -16.24
C ALA B 241 -39.22 15.19 -14.92
N ALA B 242 -38.38 15.61 -13.99
CA ALA B 242 -38.30 14.95 -12.68
C ALA B 242 -39.52 15.24 -11.83
N LEU B 243 -39.94 16.50 -11.80
CA LEU B 243 -41.12 16.86 -11.01
C LEU B 243 -42.35 16.09 -11.53
N GLN B 244 -42.46 15.99 -12.85
CA GLN B 244 -43.59 15.30 -13.44
C GLN B 244 -43.62 13.82 -13.05
N ALA B 245 -42.46 13.15 -13.11
CA ALA B 245 -42.37 11.75 -12.75
C ALA B 245 -42.70 11.59 -11.25
N ASN B 246 -42.46 12.65 -10.49
CA ASN B 246 -42.72 12.67 -9.04
C ASN B 246 -44.07 13.34 -8.76
N LYS B 247 -44.93 13.40 -9.77
CA LYS B 247 -46.23 14.03 -9.62
C LYS B 247 -46.99 13.56 -8.38
N GLY B 248 -47.06 12.24 -8.19
CA GLY B 248 -47.76 11.70 -7.04
C GLY B 248 -47.24 12.21 -5.71
N GLN B 249 -45.92 12.23 -5.57
CA GLN B 249 -45.29 12.69 -4.34
C GLN B 249 -45.47 14.19 -4.13
N ALA B 250 -45.40 14.96 -5.21
CA ALA B 250 -45.56 16.41 -5.12
C ALA B 250 -46.95 16.71 -4.57
N ILE B 251 -47.94 15.99 -5.08
CA ILE B 251 -49.32 16.17 -4.66
C ILE B 251 -49.53 15.72 -3.22
N ALA B 252 -48.88 14.63 -2.82
CA ALA B 252 -49.02 14.13 -1.46
C ALA B 252 -48.35 15.06 -0.45
N LEU B 253 -47.19 15.60 -0.82
CA LEU B 253 -46.46 16.51 0.05
C LEU B 253 -47.05 17.91 0.05
N GLN B 254 -47.61 18.30 -1.10
CA GLN B 254 -48.22 19.61 -1.23
C GLN B 254 -49.66 19.54 -1.74
N SER B 255 -49.86 19.85 -3.01
CA SER B 255 -51.19 19.81 -3.60
C SER B 255 -51.11 19.91 -5.12
N GLU B 256 -52.19 19.52 -5.79
CA GLU B 256 -52.23 19.58 -7.24
C GLU B 256 -52.05 21.03 -7.70
N GLU B 257 -52.52 21.98 -6.90
CA GLU B 257 -52.39 23.38 -7.24
C GLU B 257 -50.91 23.76 -7.30
N VAL B 258 -50.15 23.35 -6.29
CA VAL B 258 -48.72 23.65 -6.25
C VAL B 258 -48.00 22.93 -7.38
N TYR B 259 -48.38 21.69 -7.63
CA TYR B 259 -47.78 20.90 -8.71
C TYR B 259 -48.01 21.58 -10.06
N GLU B 260 -49.28 21.93 -10.32
CA GLU B 260 -49.64 22.57 -11.57
C GLU B 260 -48.88 23.88 -11.71
N ARG B 261 -48.84 24.65 -10.63
CA ARG B 261 -48.14 25.92 -10.63
C ARG B 261 -46.67 25.77 -11.00
N TYR B 262 -45.97 24.87 -10.31
CA TYR B 262 -44.56 24.69 -10.59
C TYR B 262 -44.25 24.11 -11.96
N MET B 263 -45.10 23.22 -12.46
CA MET B 263 -44.86 22.67 -13.79
C MET B 263 -45.00 23.80 -14.81
N LYS B 264 -46.05 24.60 -14.67
CA LYS B 264 -46.28 25.72 -15.58
C LYS B 264 -45.05 26.62 -15.54
N TYR B 265 -44.55 26.84 -14.34
CA TYR B 265 -43.38 27.68 -14.10
C TYR B 265 -42.12 27.12 -14.76
N LEU B 266 -41.80 25.86 -14.47
CA LEU B 266 -40.60 25.24 -15.02
C LEU B 266 -40.62 25.12 -16.55
N THR B 267 -41.67 24.53 -17.11
CA THR B 267 -41.75 24.36 -18.55
C THR B 267 -41.78 25.72 -19.24
N GLY B 268 -42.50 26.68 -18.65
CA GLY B 268 -42.58 28.00 -19.23
C GLY B 268 -41.24 28.68 -19.34
N CYS B 269 -40.46 28.66 -18.27
CA CYS B 269 -39.14 29.29 -18.27
C CYS B 269 -38.24 28.60 -19.28
N ALA B 270 -38.39 27.29 -19.41
CA ALA B 270 -37.58 26.52 -20.35
C ALA B 270 -37.76 27.10 -21.74
N GLU B 271 -39.02 27.29 -22.14
CA GLU B 271 -39.32 27.83 -23.47
C GLU B 271 -38.79 29.25 -23.68
N MET B 272 -38.95 30.11 -22.67
CA MET B 272 -38.46 31.48 -22.81
C MET B 272 -36.98 31.49 -23.13
N PHE B 273 -36.21 30.64 -22.45
CA PHE B 273 -34.77 30.56 -22.71
C PHE B 273 -34.53 29.96 -24.09
N ARG B 274 -35.35 28.98 -24.45
CA ARG B 274 -35.21 28.30 -25.73
C ARG B 274 -35.35 29.29 -26.90
N ILE B 275 -36.32 30.20 -26.82
CA ILE B 275 -36.54 31.17 -27.88
C ILE B 275 -35.67 32.42 -27.71
N GLY B 276 -35.03 32.54 -26.55
CA GLY B 276 -34.14 33.66 -26.32
C GLY B 276 -34.65 34.97 -25.72
N TYR B 277 -35.83 34.96 -25.11
CA TYR B 277 -36.34 36.19 -24.51
C TYR B 277 -35.54 36.53 -23.27
N ILE B 278 -35.02 35.51 -22.60
CA ILE B 278 -34.21 35.70 -21.40
C ILE B 278 -32.86 35.04 -21.57
N ASP B 279 -31.89 35.47 -20.77
CA ASP B 279 -30.52 34.97 -20.86
C ASP B 279 -29.96 34.82 -19.43
N VAL B 280 -28.76 34.24 -19.31
CA VAL B 280 -28.13 34.07 -18.01
C VAL B 280 -26.63 34.28 -18.21
N ASN B 281 -26.07 35.21 -17.45
CA ASN B 281 -24.66 35.54 -17.58
C ASN B 281 -23.86 35.56 -16.29
N GLN B 282 -22.58 35.23 -16.40
CA GLN B 282 -21.65 35.26 -15.26
C GLN B 282 -20.76 36.48 -15.47
N PHE B 283 -20.82 37.44 -14.56
CA PHE B 283 -20.01 38.64 -14.66
C PHE B 283 -18.80 38.57 -13.73
N THR B 284 -17.61 38.61 -14.31
CA THR B 284 -16.40 38.59 -13.50
C THR B 284 -16.16 40.06 -13.16
N CYS B 285 -16.30 40.39 -11.88
CA CYS B 285 -16.14 41.77 -11.41
C CYS B 285 -14.83 41.93 -10.64
N GLN B 286 -13.89 42.63 -11.25
CA GLN B 286 -12.56 42.85 -10.67
C GLN B 286 -12.48 44.16 -9.90
N LYS B 287 -11.95 44.11 -8.68
CA LYS B 287 -11.81 45.32 -7.89
C LYS B 287 -10.51 46.05 -8.22
N ASP C 3 -0.04 34.26 1.20
CA ASP C 3 -0.05 32.76 1.11
C ASP C 3 0.01 32.15 2.49
N GLU C 4 -0.64 31.00 2.65
CA GLU C 4 -0.65 30.31 3.93
C GLU C 4 0.72 29.63 4.09
N LEU C 5 1.33 29.28 2.97
CA LEU C 5 2.65 28.66 2.94
C LEU C 5 3.48 29.29 1.82
N LYS C 6 4.45 30.11 2.19
CA LYS C 6 5.29 30.75 1.19
C LYS C 6 6.35 29.77 0.69
N PRO C 7 6.45 29.58 -0.63
CA PRO C 7 7.42 28.66 -1.21
C PRO C 7 8.85 29.06 -0.86
N HIS C 8 9.75 28.09 -0.79
CA HIS C 8 11.15 28.36 -0.47
C HIS C 8 11.89 28.73 -1.74
N PHE C 9 11.52 29.87 -2.33
CA PHE C 9 12.15 30.35 -3.55
C PHE C 9 13.67 30.43 -3.42
N ALA C 10 14.15 31.10 -2.38
CA ALA C 10 15.57 31.28 -2.17
C ALA C 10 16.40 29.99 -2.15
N ASN C 11 16.01 29.03 -1.33
CA ASN C 11 16.77 27.78 -1.25
C ASN C 11 16.80 26.99 -2.55
N VAL C 12 15.69 26.97 -3.28
CA VAL C 12 15.65 26.23 -4.53
C VAL C 12 16.39 26.97 -5.65
N GLN C 13 16.21 28.29 -5.71
CA GLN C 13 16.89 29.08 -6.74
C GLN C 13 18.40 29.08 -6.54
N ALA C 14 18.84 28.82 -5.30
CA ALA C 14 20.26 28.79 -5.00
C ALA C 14 20.98 27.72 -5.82
N HIS C 15 20.23 26.69 -6.21
CA HIS C 15 20.82 25.63 -7.01
C HIS C 15 20.45 25.73 -8.48
N TYR C 16 19.15 25.64 -8.78
CA TYR C 16 18.67 25.66 -10.16
C TYR C 16 18.83 26.94 -10.96
N ASP C 17 19.02 28.08 -10.30
CA ASP C 17 19.21 29.31 -11.06
C ASP C 17 20.69 29.68 -11.19
N LEU C 18 21.57 28.69 -11.03
CA LEU C 18 23.01 28.94 -11.14
C LEU C 18 23.36 29.47 -12.53
N SER C 19 22.80 28.83 -13.56
CA SER C 19 23.03 29.18 -14.96
C SER C 19 22.66 27.99 -15.83
N ASP C 20 21.78 28.19 -16.81
CA ASP C 20 21.39 27.08 -17.68
C ASP C 20 22.59 26.55 -18.45
N ASP C 21 23.44 27.47 -18.92
CA ASP C 21 24.62 27.09 -19.66
C ASP C 21 25.49 26.11 -18.87
N PHE C 22 25.55 26.29 -17.56
CA PHE C 22 26.34 25.42 -16.70
C PHE C 22 25.75 24.00 -16.63
N PHE C 23 24.46 23.93 -16.33
CA PHE C 23 23.80 22.63 -16.24
C PHE C 23 23.86 21.91 -17.59
N ARG C 24 23.78 22.66 -18.67
CA ARG C 24 23.83 22.05 -20.00
C ARG C 24 25.18 21.38 -20.25
N LEU C 25 26.15 21.63 -19.37
CA LEU C 25 27.47 21.02 -19.50
C LEU C 25 27.48 19.55 -19.06
N PHE C 26 26.46 19.12 -18.33
CA PHE C 26 26.43 17.72 -17.90
C PHE C 26 25.11 16.96 -18.02
N LEU C 27 24.00 17.68 -18.19
CA LEU C 27 22.72 16.98 -18.34
C LEU C 27 22.54 16.56 -19.80
N ASP C 28 21.67 15.58 -20.05
CA ASP C 28 21.42 15.14 -21.42
C ASP C 28 20.69 16.30 -22.10
N PRO C 29 20.56 16.27 -23.43
CA PRO C 29 19.88 17.32 -24.20
C PRO C 29 18.51 17.77 -23.69
N THR C 30 17.69 16.84 -23.21
CA THR C 30 16.36 17.17 -22.71
C THR C 30 16.41 17.95 -21.39
N GLN C 31 17.60 18.06 -20.82
CA GLN C 31 17.84 18.77 -19.55
C GLN C 31 17.10 18.12 -18.36
N THR C 32 16.87 16.82 -18.46
CA THR C 32 16.21 16.09 -17.36
C THR C 32 17.23 16.02 -16.23
N TYR C 33 16.81 16.42 -15.04
CA TYR C 33 17.69 16.44 -13.87
C TYR C 33 17.17 15.51 -12.79
N SER C 34 17.17 14.22 -13.08
CA SER C 34 16.71 13.20 -12.15
C SER C 34 17.17 11.82 -12.65
N CYS C 35 16.98 10.78 -11.83
CA CYS C 35 17.42 9.44 -12.19
C CYS C 35 16.89 8.89 -13.51
N ALA C 36 17.79 8.46 -14.39
CA ALA C 36 17.38 7.90 -15.68
C ALA C 36 17.00 6.43 -15.48
N TYR C 37 16.36 5.84 -16.48
CA TYR C 37 15.94 4.45 -16.40
C TYR C 37 16.53 3.65 -17.56
N PHE C 38 17.59 2.89 -17.28
CA PHE C 38 18.23 2.10 -18.31
C PHE C 38 17.52 0.76 -18.49
N GLU C 39 16.32 0.82 -19.05
CA GLU C 39 15.50 -0.36 -19.31
C GLU C 39 16.29 -1.39 -20.10
N ARG C 40 17.16 -0.91 -20.99
CA ARG C 40 18.03 -1.76 -21.79
C ARG C 40 19.44 -1.41 -21.35
N ASP C 41 20.32 -2.41 -21.28
CA ASP C 41 21.70 -2.18 -20.84
C ASP C 41 22.57 -1.39 -21.82
N ASP C 42 22.01 -1.00 -22.97
CA ASP C 42 22.80 -0.26 -23.95
C ASP C 42 22.24 1.11 -24.32
N MET C 43 21.32 1.64 -23.52
CA MET C 43 20.74 2.94 -23.81
C MET C 43 21.68 4.10 -23.52
N THR C 44 21.51 5.19 -24.28
CA THR C 44 22.31 6.40 -24.09
C THR C 44 21.62 7.11 -22.94
N LEU C 45 22.28 8.09 -22.35
CA LEU C 45 21.69 8.81 -21.23
C LEU C 45 20.36 9.41 -21.69
N GLN C 46 20.35 9.99 -22.88
CA GLN C 46 19.14 10.60 -23.43
C GLN C 46 18.01 9.59 -23.57
N GLU C 47 18.34 8.39 -24.04
CA GLU C 47 17.35 7.34 -24.22
C GLU C 47 16.80 6.89 -22.87
N ALA C 48 17.70 6.78 -21.88
CA ALA C 48 17.31 6.35 -20.55
C ALA C 48 16.45 7.38 -19.84
N GLN C 49 16.67 8.66 -20.14
CA GLN C 49 15.87 9.72 -19.52
C GLN C 49 14.46 9.68 -20.08
N ILE C 50 14.34 9.53 -21.40
CA ILE C 50 13.03 9.46 -22.03
C ILE C 50 12.30 8.22 -21.49
N ALA C 51 13.06 7.15 -21.28
CA ALA C 51 12.51 5.90 -20.77
C ALA C 51 11.98 6.12 -19.35
N LYS C 52 12.64 6.98 -18.58
CA LYS C 52 12.19 7.27 -17.23
C LYS C 52 10.91 8.10 -17.28
N ILE C 53 10.85 9.06 -18.19
CA ILE C 53 9.64 9.88 -18.32
C ILE C 53 8.45 9.00 -18.68
N ASP C 54 8.65 8.07 -19.61
CA ASP C 54 7.57 7.17 -20.03
C ASP C 54 7.16 6.21 -18.93
N LEU C 55 8.09 5.81 -18.07
CA LEU C 55 7.77 4.91 -16.97
C LEU C 55 6.82 5.62 -16.02
N ALA C 56 7.14 6.88 -15.73
CA ALA C 56 6.33 7.71 -14.85
C ALA C 56 4.97 8.02 -15.45
N LEU C 57 4.96 8.56 -16.68
CA LEU C 57 3.72 8.92 -17.34
C LEU C 57 2.83 7.73 -17.64
N GLY C 58 3.46 6.59 -17.96
CA GLY C 58 2.72 5.39 -18.27
C GLY C 58 1.94 4.79 -17.11
N LYS C 59 2.19 5.28 -15.90
CA LYS C 59 1.49 4.77 -14.72
C LYS C 59 0.27 5.62 -14.38
N LEU C 60 0.06 6.71 -15.11
CA LEU C 60 -1.05 7.63 -14.83
C LEU C 60 -2.35 7.40 -15.58
N GLY C 61 -2.35 6.48 -16.54
CA GLY C 61 -3.56 6.23 -17.29
C GLY C 61 -4.06 7.49 -17.98
N LEU C 62 -3.14 8.19 -18.64
CA LEU C 62 -3.46 9.42 -19.35
C LEU C 62 -4.35 9.16 -20.57
N GLN C 63 -5.22 10.12 -20.87
CA GLN C 63 -6.11 10.05 -22.01
C GLN C 63 -6.12 11.44 -22.62
N PRO C 64 -6.34 11.55 -23.94
CA PRO C 64 -6.36 12.85 -24.62
C PRO C 64 -7.32 13.83 -23.96
N GLY C 65 -6.87 15.07 -23.78
CA GLY C 65 -7.73 16.07 -23.17
C GLY C 65 -7.59 16.24 -21.67
N MET C 66 -6.93 15.30 -21.00
CA MET C 66 -6.73 15.42 -19.56
C MET C 66 -5.75 16.56 -19.26
N THR C 67 -5.77 17.05 -18.03
CA THR C 67 -4.84 18.10 -17.64
C THR C 67 -3.86 17.51 -16.64
N LEU C 68 -2.59 17.46 -17.03
CA LEU C 68 -1.55 16.92 -16.17
C LEU C 68 -0.79 18.03 -15.44
N LEU C 69 -0.63 17.87 -14.13
CA LEU C 69 0.12 18.84 -13.33
C LEU C 69 1.50 18.29 -13.02
N ASP C 70 2.53 19.02 -13.41
CA ASP C 70 3.90 18.60 -13.13
C ASP C 70 4.42 19.49 -12.02
N VAL C 71 4.54 18.93 -10.82
CA VAL C 71 5.01 19.68 -9.67
C VAL C 71 6.53 19.63 -9.64
N GLY C 72 7.16 20.76 -9.98
CA GLY C 72 8.62 20.85 -10.03
C GLY C 72 9.04 20.37 -11.40
N CYS C 73 8.54 21.07 -12.41
CA CYS C 73 8.77 20.73 -13.82
C CYS C 73 10.17 20.85 -14.39
N GLY C 74 11.13 21.35 -13.62
CA GLY C 74 12.49 21.49 -14.14
C GLY C 74 12.53 22.27 -15.44
N TRP C 75 13.31 21.79 -16.41
CA TRP C 75 13.42 22.47 -17.69
C TRP C 75 12.39 22.04 -18.73
N GLY C 76 11.29 21.44 -18.25
CA GLY C 76 10.18 21.04 -19.10
C GLY C 76 10.08 19.78 -19.94
N ALA C 77 11.09 18.93 -19.95
CA ALA C 77 11.05 17.73 -20.78
C ALA C 77 9.83 16.83 -20.55
N THR C 78 9.47 16.62 -19.29
CA THR C 78 8.33 15.75 -18.97
C THR C 78 7.01 16.37 -19.45
N MET C 79 6.82 17.67 -19.19
CA MET C 79 5.63 18.38 -19.63
C MET C 79 5.43 18.27 -21.14
N MET C 80 6.49 18.58 -21.88
CA MET C 80 6.44 18.55 -23.34
C MET C 80 6.24 17.15 -23.92
N ARG C 81 6.78 16.12 -23.29
CA ARG C 81 6.58 14.79 -23.84
C ARG C 81 5.13 14.37 -23.57
N ALA C 82 4.60 14.81 -22.42
CA ALA C 82 3.23 14.49 -22.04
C ALA C 82 2.29 15.05 -23.10
N VAL C 83 2.55 16.28 -23.51
CA VAL C 83 1.75 16.96 -24.51
C VAL C 83 1.88 16.29 -25.87
N GLU C 84 3.11 16.22 -26.35
CA GLU C 84 3.41 15.68 -27.66
C GLU C 84 3.12 14.20 -27.89
N LYS C 85 3.46 13.36 -26.92
CA LYS C 85 3.27 11.93 -27.04
C LYS C 85 1.95 11.39 -26.51
N TYR C 86 1.40 12.03 -25.48
CA TYR C 86 0.15 11.56 -24.89
C TYR C 86 -1.06 12.47 -25.14
N ASP C 87 -0.82 13.62 -25.74
CA ASP C 87 -1.88 14.55 -26.08
C ASP C 87 -2.72 15.06 -24.90
N VAL C 88 -2.05 15.40 -23.81
CA VAL C 88 -2.74 15.93 -22.65
C VAL C 88 -2.35 17.38 -22.46
N ASN C 89 -3.21 18.15 -21.78
CA ASN C 89 -2.90 19.54 -21.49
C ASN C 89 -1.94 19.47 -20.30
N VAL C 90 -1.15 20.52 -20.09
CA VAL C 90 -0.20 20.51 -18.98
C VAL C 90 -0.02 21.85 -18.27
N VAL C 91 0.36 21.73 -17.00
CA VAL C 91 0.66 22.87 -16.16
C VAL C 91 1.87 22.44 -15.36
N GLY C 92 2.95 23.20 -15.48
CA GLY C 92 4.16 22.87 -14.75
C GLY C 92 4.49 23.95 -13.75
N LEU C 93 4.91 23.56 -12.56
CA LEU C 93 5.26 24.50 -11.52
C LEU C 93 6.74 24.38 -11.19
N THR C 94 7.38 25.51 -10.93
CA THR C 94 8.80 25.51 -10.58
C THR C 94 9.14 26.79 -9.83
N LEU C 95 10.10 26.73 -8.92
CA LEU C 95 10.50 27.90 -8.15
C LEU C 95 11.73 28.56 -8.80
N SER C 96 12.21 27.94 -9.86
CA SER C 96 13.38 28.43 -10.60
C SER C 96 13.00 29.41 -11.71
N LYS C 97 13.56 30.61 -11.65
CA LYS C 97 13.29 31.65 -12.64
C LYS C 97 13.84 31.27 -14.01
N ASN C 98 15.05 30.72 -14.05
CA ASN C 98 15.65 30.32 -15.32
C ASN C 98 14.87 29.16 -15.94
N GLN C 99 14.42 28.22 -15.10
CA GLN C 99 13.63 27.10 -15.62
C GLN C 99 12.29 27.61 -16.15
N ALA C 100 11.66 28.53 -15.42
CA ALA C 100 10.38 29.08 -15.87
C ALA C 100 10.55 29.75 -17.24
N ASN C 101 11.59 30.57 -17.35
CA ASN C 101 11.88 31.27 -18.59
C ASN C 101 12.18 30.28 -19.72
N HIS C 102 12.97 29.26 -19.43
CA HIS C 102 13.30 28.27 -20.45
C HIS C 102 12.04 27.53 -20.92
N VAL C 103 11.22 27.08 -19.98
CA VAL C 103 10.00 26.36 -20.33
C VAL C 103 9.01 27.26 -21.05
N GLN C 104 8.99 28.55 -20.70
CA GLN C 104 8.09 29.50 -21.36
C GLN C 104 8.41 29.57 -22.85
N GLN C 105 9.69 29.43 -23.19
CA GLN C 105 10.10 29.47 -24.59
C GLN C 105 9.69 28.19 -25.32
N LEU C 106 9.73 27.06 -24.61
CA LEU C 106 9.32 25.80 -25.21
C LEU C 106 7.83 25.92 -25.53
N VAL C 107 7.08 26.48 -24.57
CA VAL C 107 5.65 26.69 -24.76
C VAL C 107 5.41 27.67 -25.90
N ALA C 108 6.15 28.78 -25.90
CA ALA C 108 6.01 29.81 -26.93
C ALA C 108 6.31 29.34 -28.35
N ASN C 109 7.18 28.34 -28.49
CA ASN C 109 7.53 27.85 -29.81
C ASN C 109 6.89 26.53 -30.19
N SER C 110 6.06 25.99 -29.31
CA SER C 110 5.38 24.73 -29.58
C SER C 110 4.30 24.90 -30.65
N GLU C 111 4.16 23.88 -31.50
CA GLU C 111 3.17 23.91 -32.57
C GLU C 111 1.97 23.04 -32.19
N ASN C 112 2.02 22.44 -31.01
CA ASN C 112 0.94 21.57 -30.54
C ASN C 112 -0.26 22.38 -30.09
N LEU C 113 -1.45 21.83 -30.30
CA LEU C 113 -2.68 22.51 -29.95
C LEU C 113 -3.13 22.51 -28.48
N ARG C 114 -2.66 21.54 -27.70
CA ARG C 114 -3.06 21.46 -26.29
C ARG C 114 -2.60 22.67 -25.46
N SER C 115 -3.26 22.89 -24.33
CA SER C 115 -2.91 23.99 -23.45
C SER C 115 -1.65 23.65 -22.67
N LYS C 116 -0.73 24.61 -22.59
CA LYS C 116 0.52 24.42 -21.88
C LYS C 116 0.83 25.70 -21.10
N ARG C 117 1.04 25.54 -19.80
CA ARG C 117 1.35 26.67 -18.94
C ARG C 117 2.49 26.34 -18.00
N VAL C 118 3.32 27.33 -17.70
CA VAL C 118 4.41 27.13 -16.75
C VAL C 118 4.31 28.31 -15.81
N LEU C 119 4.34 28.02 -14.51
CA LEU C 119 4.22 29.08 -13.53
C LEU C 119 5.40 29.09 -12.57
N LEU C 120 5.92 30.28 -12.32
CA LEU C 120 7.00 30.43 -11.37
C LEU C 120 6.25 30.50 -10.05
N ALA C 121 5.90 29.32 -9.52
CA ALA C 121 5.15 29.22 -8.28
C ALA C 121 5.25 27.82 -7.69
N GLY C 122 4.99 27.71 -6.39
CA GLY C 122 5.06 26.40 -5.76
C GLY C 122 3.69 25.77 -5.73
N TRP C 123 3.62 24.48 -5.40
CA TRP C 123 2.34 23.82 -5.33
C TRP C 123 1.54 24.53 -4.25
N GLU C 124 2.26 25.18 -3.34
CA GLU C 124 1.66 25.93 -2.24
C GLU C 124 0.73 27.03 -2.75
N GLN C 125 0.96 27.47 -3.98
CA GLN C 125 0.17 28.55 -4.57
C GLN C 125 -0.72 28.11 -5.74
N PHE C 126 -0.90 26.79 -5.90
CA PHE C 126 -1.71 26.26 -7.00
C PHE C 126 -3.02 25.69 -6.45
N ASP C 127 -4.14 26.24 -6.90
CA ASP C 127 -5.43 25.79 -6.42
C ASP C 127 -6.41 25.61 -7.57
N GLU C 128 -6.08 24.69 -8.48
CA GLU C 128 -6.91 24.39 -9.63
C GLU C 128 -7.12 22.88 -9.75
N PRO C 129 -8.35 22.46 -10.08
CA PRO C 129 -8.57 21.02 -10.21
C PRO C 129 -7.75 20.50 -11.41
N VAL C 130 -7.18 19.31 -11.28
CA VAL C 130 -6.40 18.72 -12.37
C VAL C 130 -6.80 17.25 -12.48
N ASP C 131 -6.44 16.59 -13.58
CA ASP C 131 -6.82 15.19 -13.77
C ASP C 131 -5.81 14.19 -13.24
N ARG C 132 -4.52 14.50 -13.38
CA ARG C 132 -3.45 13.63 -12.93
C ARG C 132 -2.26 14.48 -12.48
N ILE C 133 -1.37 13.90 -11.67
CA ILE C 133 -0.21 14.61 -11.17
C ILE C 133 1.08 13.80 -11.24
N VAL C 134 2.16 14.46 -11.64
CA VAL C 134 3.46 13.80 -11.70
C VAL C 134 4.44 14.75 -11.00
N SER C 135 5.37 14.18 -10.25
CA SER C 135 6.36 14.97 -9.55
C SER C 135 7.60 14.11 -9.43
N ILE C 136 8.68 14.57 -10.07
CA ILE C 136 9.94 13.84 -10.09
C ILE C 136 11.09 14.68 -9.53
N GLY C 137 11.65 14.26 -8.41
CA GLY C 137 12.77 14.96 -7.79
C GLY C 137 12.50 16.35 -7.21
N ALA C 138 11.26 16.63 -6.86
CA ALA C 138 10.90 17.92 -6.27
C ALA C 138 10.60 17.78 -4.78
N PHE C 139 10.05 16.63 -4.42
CA PHE C 139 9.68 16.31 -3.04
C PHE C 139 10.82 16.55 -2.05
N GLU C 140 12.03 16.26 -2.48
CA GLU C 140 13.21 16.44 -1.64
C GLU C 140 13.43 17.89 -1.22
N HIS C 141 12.78 18.82 -1.92
CA HIS C 141 12.89 20.25 -1.62
C HIS C 141 11.71 20.80 -0.80
N PHE C 142 10.66 20.00 -0.67
CA PHE C 142 9.45 20.43 0.02
C PHE C 142 9.62 20.82 1.49
N GLY C 143 10.38 20.02 2.23
CA GLY C 143 10.58 20.27 3.65
C GLY C 143 9.59 19.46 4.45
N HIS C 144 10.09 18.71 5.44
CA HIS C 144 9.23 17.88 6.28
C HIS C 144 7.96 18.58 6.75
N GLU C 145 8.07 19.84 7.13
CA GLU C 145 6.93 20.60 7.62
C GLU C 145 5.81 20.82 6.61
N ARG C 146 5.99 20.33 5.38
CA ARG C 146 4.97 20.52 4.35
C ARG C 146 4.54 19.24 3.64
N TYR C 147 5.06 18.10 4.10
CA TYR C 147 4.72 16.82 3.48
C TYR C 147 3.22 16.57 3.52
N ASP C 148 2.62 16.78 4.68
CA ASP C 148 1.19 16.55 4.85
C ASP C 148 0.35 17.50 4.02
N ALA C 149 0.77 18.75 3.95
CA ALA C 149 0.05 19.74 3.17
C ALA C 149 0.12 19.37 1.69
N PHE C 150 1.26 18.84 1.28
CA PHE C 150 1.42 18.45 -0.12
C PHE C 150 0.51 17.29 -0.50
N PHE C 151 0.55 16.19 0.24
CA PHE C 151 -0.30 15.05 -0.10
C PHE C 151 -1.77 15.41 0.01
N SER C 152 -2.10 16.26 0.98
CA SER C 152 -3.48 16.69 1.16
C SER C 152 -3.92 17.50 -0.06
N LEU C 153 -3.03 18.39 -0.52
CA LEU C 153 -3.33 19.22 -1.67
C LEU C 153 -3.47 18.40 -2.93
N ALA C 154 -2.60 17.39 -3.09
CA ALA C 154 -2.64 16.53 -4.28
C ALA C 154 -3.91 15.67 -4.32
N HIS C 155 -4.31 15.14 -3.17
CA HIS C 155 -5.49 14.30 -3.09
C HIS C 155 -6.76 15.11 -3.34
N ARG C 156 -6.73 16.36 -2.92
CA ARG C 156 -7.87 17.26 -3.09
C ARG C 156 -8.07 17.72 -4.53
N LEU C 157 -6.98 18.09 -5.20
CA LEU C 157 -7.06 18.59 -6.57
C LEU C 157 -7.35 17.53 -7.64
N LEU C 158 -7.07 16.27 -7.32
CA LEU C 158 -7.31 15.18 -8.25
C LEU C 158 -8.79 14.77 -8.27
N PRO C 159 -9.25 14.16 -9.37
CA PRO C 159 -10.64 13.72 -9.48
C PRO C 159 -10.84 12.36 -8.79
N ALA C 160 -12.04 11.82 -8.88
CA ALA C 160 -12.33 10.52 -8.25
C ALA C 160 -11.38 9.38 -8.61
N ASP C 161 -11.07 9.23 -9.89
CA ASP C 161 -10.17 8.16 -10.31
C ASP C 161 -8.71 8.60 -10.35
N GLY C 162 -8.47 9.83 -9.91
CA GLY C 162 -7.13 10.40 -9.93
C GLY C 162 -5.95 9.56 -9.48
N VAL C 163 -4.80 9.84 -10.08
CA VAL C 163 -3.55 9.16 -9.77
C VAL C 163 -2.40 10.17 -9.75
N MET C 164 -1.47 9.98 -8.81
CA MET C 164 -0.29 10.83 -8.73
C MET C 164 0.92 9.91 -8.74
N LEU C 165 1.89 10.22 -9.57
CA LEU C 165 3.12 9.43 -9.61
C LEU C 165 4.16 10.29 -8.93
N LEU C 166 4.56 9.89 -7.74
CA LEU C 166 5.57 10.61 -6.97
C LEU C 166 6.88 9.84 -7.04
N HIS C 167 7.87 10.49 -7.65
CA HIS C 167 9.19 9.93 -7.82
C HIS C 167 10.13 10.76 -6.96
N THR C 168 10.76 10.13 -5.98
CA THR C 168 11.66 10.83 -5.08
C THR C 168 12.77 9.95 -4.53
N ILE C 169 13.87 10.60 -4.16
CA ILE C 169 15.01 9.93 -3.57
C ILE C 169 14.57 9.63 -2.14
N THR C 170 15.08 8.55 -1.57
CA THR C 170 14.74 8.18 -0.20
C THR C 170 16.06 7.80 0.44
N GLY C 171 16.22 8.06 1.73
CA GLY C 171 17.48 7.74 2.37
C GLY C 171 17.38 6.92 3.64
N LEU C 172 18.45 6.19 3.96
CA LEU C 172 18.49 5.38 5.17
C LEU C 172 19.04 6.24 6.30
N HIS C 173 18.60 5.95 7.53
CA HIS C 173 19.03 6.70 8.69
C HIS C 173 20.43 6.28 9.14
N PRO C 174 21.41 7.19 9.01
CA PRO C 174 22.83 6.99 9.37
C PRO C 174 23.09 6.32 10.71
N LYS C 175 22.38 6.75 11.74
CA LYS C 175 22.55 6.17 13.07
C LYS C 175 22.27 4.67 13.04
N GLU C 176 21.49 4.25 12.04
CA GLU C 176 21.13 2.83 11.91
C GLU C 176 22.17 2.07 11.10
N ILE C 177 22.83 2.75 10.15
CA ILE C 177 23.85 2.11 9.33
C ILE C 177 25.05 1.82 10.23
N HIS C 178 25.25 2.69 11.22
CA HIS C 178 26.32 2.58 12.19
C HIS C 178 26.20 1.26 12.94
N GLU C 179 25.01 0.66 12.88
CA GLU C 179 24.74 -0.61 13.56
C GLU C 179 24.58 -1.74 12.55
N ARG C 180 23.56 -1.62 11.70
CA ARG C 180 23.24 -2.62 10.70
C ARG C 180 24.33 -2.96 9.69
N GLY C 181 24.19 -2.46 8.46
CA GLY C 181 25.14 -2.75 7.42
C GLY C 181 26.41 -1.92 7.28
N LEU C 182 27.00 -2.03 6.09
CA LEU C 182 28.23 -1.36 5.69
C LEU C 182 28.69 -0.14 6.49
N PRO C 183 30.01 0.03 6.64
CA PRO C 183 30.64 1.14 7.38
C PRO C 183 30.28 2.50 6.78
N MET C 184 31.28 3.34 6.59
CA MET C 184 31.10 4.68 6.02
C MET C 184 30.07 5.53 6.76
N SER C 185 29.60 5.05 7.91
CA SER C 185 28.59 5.77 8.68
C SER C 185 28.89 7.26 8.87
N PHE C 186 30.12 7.58 9.27
CA PHE C 186 30.50 8.98 9.49
C PHE C 186 30.90 9.68 8.19
N THR C 187 31.37 8.90 7.21
CA THR C 187 31.75 9.48 5.93
C THR C 187 30.48 9.87 5.19
N PHE C 188 29.44 9.07 5.37
CA PHE C 188 28.14 9.34 4.73
C PHE C 188 27.48 10.53 5.40
N ALA C 189 27.61 10.62 6.72
CA ALA C 189 27.03 11.72 7.49
C ALA C 189 27.72 13.01 7.07
N ARG C 190 29.04 12.95 6.95
CA ARG C 190 29.82 14.11 6.55
C ARG C 190 29.45 14.56 5.13
N PHE C 191 29.11 13.61 4.27
CA PHE C 191 28.72 13.94 2.91
C PHE C 191 27.35 14.63 2.90
N LEU C 192 26.44 14.14 3.73
CA LEU C 192 25.10 14.71 3.82
C LEU C 192 25.19 16.18 4.19
N LYS C 193 26.08 16.48 5.14
CA LYS C 193 26.26 17.86 5.57
C LYS C 193 26.70 18.71 4.39
N PHE C 194 27.65 18.19 3.62
CA PHE C 194 28.16 18.90 2.46
C PHE C 194 27.02 19.20 1.50
N ILE C 195 26.23 18.18 1.19
CA ILE C 195 25.11 18.35 0.26
C ILE C 195 24.12 19.41 0.72
N VAL C 196 23.64 19.29 1.95
CA VAL C 196 22.68 20.25 2.46
C VAL C 196 23.28 21.65 2.61
N THR C 197 24.55 21.71 2.97
CA THR C 197 25.23 22.99 3.15
C THR C 197 25.65 23.72 1.87
N GLU C 198 26.19 22.99 0.91
CA GLU C 198 26.68 23.63 -0.30
C GLU C 198 25.95 23.34 -1.61
N ILE C 199 25.13 22.30 -1.63
CA ILE C 199 24.41 21.96 -2.88
C ILE C 199 22.91 22.18 -2.83
N PHE C 200 22.24 21.57 -1.87
CA PHE C 200 20.79 21.70 -1.77
C PHE C 200 20.29 22.23 -0.43
N PRO C 201 20.46 23.54 -0.18
CA PRO C 201 19.98 24.06 1.11
C PRO C 201 18.48 23.82 1.22
N GLY C 202 18.04 23.40 2.41
CA GLY C 202 16.63 23.14 2.64
C GLY C 202 16.21 21.73 2.25
N GLY C 203 17.12 21.00 1.61
CA GLY C 203 16.80 19.65 1.17
C GLY C 203 16.70 18.65 2.31
N ARG C 204 15.88 17.62 2.10
CA ARG C 204 15.71 16.59 3.11
C ARG C 204 15.21 15.32 2.46
N LEU C 205 15.83 14.20 2.79
CA LEU C 205 15.45 12.92 2.22
C LEU C 205 14.51 12.17 3.16
N PRO C 206 13.33 11.80 2.65
CA PRO C 206 12.37 11.08 3.50
C PRO C 206 12.70 9.59 3.40
N SER C 207 12.16 8.81 4.32
CA SER C 207 12.39 7.36 4.30
C SER C 207 11.20 6.79 3.53
N ILE C 208 11.32 5.56 3.03
CA ILE C 208 10.21 4.95 2.30
C ILE C 208 8.96 4.86 3.20
N PRO C 209 9.14 4.40 4.46
CA PRO C 209 7.98 4.29 5.35
C PRO C 209 7.30 5.65 5.56
N MET C 210 8.12 6.70 5.59
CA MET C 210 7.67 8.06 5.78
C MET C 210 6.72 8.47 4.65
N VAL C 211 7.13 8.20 3.42
CA VAL C 211 6.32 8.55 2.26
C VAL C 211 4.99 7.78 2.26
N GLN C 212 5.05 6.46 2.48
CA GLN C 212 3.83 5.67 2.47
C GLN C 212 2.83 6.04 3.54
N GLU C 213 3.31 6.39 4.73
CA GLU C 213 2.39 6.75 5.80
C GLU C 213 1.70 8.07 5.49
N CYS C 214 2.49 9.04 5.05
CA CYS C 214 1.97 10.36 4.72
C CYS C 214 0.94 10.27 3.60
N ALA C 215 1.24 9.51 2.56
CA ALA C 215 0.31 9.36 1.44
C ALA C 215 -1.03 8.76 1.92
N SER C 216 -0.95 7.60 2.56
CA SER C 216 -2.14 6.91 3.06
C SER C 216 -2.91 7.74 4.07
N ALA C 217 -2.19 8.39 4.97
CA ALA C 217 -2.82 9.22 5.99
C ALA C 217 -3.58 10.37 5.34
N ASN C 218 -3.30 10.62 4.07
CA ASN C 218 -3.96 11.71 3.34
C ASN C 218 -4.92 11.27 2.24
N GLY C 219 -5.39 10.03 2.32
CA GLY C 219 -6.35 9.57 1.33
C GLY C 219 -5.86 8.71 0.17
N PHE C 220 -4.56 8.53 0.01
CA PHE C 220 -4.05 7.72 -1.09
C PHE C 220 -3.80 6.27 -0.71
N THR C 221 -3.72 5.43 -1.73
CA THR C 221 -3.40 4.02 -1.55
C THR C 221 -2.21 3.85 -2.49
N VAL C 222 -1.03 3.60 -1.93
CA VAL C 222 0.18 3.40 -2.73
C VAL C 222 0.06 2.03 -3.39
N THR C 223 -0.31 2.01 -4.67
CA THR C 223 -0.48 0.75 -5.40
C THR C 223 0.81 0.11 -5.92
N ARG C 224 1.89 0.86 -5.92
CA ARG C 224 3.18 0.33 -6.35
C ARG C 224 4.34 1.22 -5.94
N VAL C 225 5.46 0.58 -5.59
CA VAL C 225 6.68 1.30 -5.20
C VAL C 225 7.79 0.63 -6.01
N GLN C 226 8.41 1.39 -6.91
CA GLN C 226 9.46 0.86 -7.75
C GLN C 226 10.79 1.59 -7.56
N SER C 227 11.83 0.82 -7.22
CA SER C 227 13.16 1.37 -7.00
C SER C 227 13.99 1.41 -8.28
N LEU C 228 14.71 2.51 -8.48
CA LEU C 228 15.56 2.69 -9.65
C LEU C 228 16.99 2.89 -9.17
N GLN C 229 17.22 2.54 -7.90
CA GLN C 229 18.52 2.69 -7.25
C GLN C 229 19.77 2.44 -8.12
N PRO C 230 19.87 1.25 -8.75
CA PRO C 230 21.03 0.95 -9.59
C PRO C 230 21.23 1.98 -10.69
N HIS C 231 20.13 2.38 -11.30
CA HIS C 231 20.13 3.35 -12.39
C HIS C 231 20.72 4.71 -12.03
N TYR C 232 20.63 5.11 -10.76
CA TYR C 232 21.15 6.43 -10.38
C TYR C 232 22.67 6.51 -10.35
N ALA C 233 23.32 5.44 -9.88
CA ALA C 233 24.77 5.43 -9.84
C ALA C 233 25.28 5.66 -11.26
N LYS C 234 24.65 4.96 -12.20
CA LYS C 234 24.98 5.06 -13.61
C LYS C 234 24.70 6.47 -14.13
N THR C 235 23.52 7.01 -13.80
CA THR C 235 23.15 8.36 -14.22
C THR C 235 24.15 9.40 -13.77
N LEU C 236 24.52 9.35 -12.49
CA LEU C 236 25.48 10.29 -11.93
C LEU C 236 26.87 10.10 -12.54
N ASP C 237 27.26 8.86 -12.81
CA ASP C 237 28.56 8.61 -13.43
C ASP C 237 28.61 9.29 -14.80
N LEU C 238 27.51 9.23 -15.54
CA LEU C 238 27.46 9.85 -16.85
C LEU C 238 27.50 11.36 -16.77
N TRP C 239 26.81 11.92 -15.77
CA TRP C 239 26.81 13.36 -15.59
C TRP C 239 28.21 13.85 -15.22
N SER C 240 28.86 13.18 -14.28
CA SER C 240 30.20 13.60 -13.87
C SER C 240 31.22 13.48 -14.99
N ALA C 241 31.11 12.42 -15.79
CA ALA C 241 32.03 12.21 -16.90
C ALA C 241 31.96 13.38 -17.87
N ALA C 242 30.74 13.85 -18.12
CA ALA C 242 30.53 14.97 -19.03
C ALA C 242 31.02 16.28 -18.44
N LEU C 243 30.72 16.53 -17.18
CA LEU C 243 31.17 17.77 -16.55
C LEU C 243 32.69 17.85 -16.55
N GLN C 244 33.34 16.72 -16.27
CA GLN C 244 34.80 16.68 -16.22
C GLN C 244 35.40 16.97 -17.58
N ALA C 245 34.82 16.39 -18.62
CA ALA C 245 35.30 16.62 -19.98
C ALA C 245 35.05 18.07 -20.39
N ASN C 246 34.07 18.69 -19.74
CA ASN C 246 33.69 20.09 -20.00
C ASN C 246 34.28 21.03 -18.94
N LYS C 247 35.28 20.55 -18.21
CA LYS C 247 35.93 21.33 -17.16
C LYS C 247 36.28 22.74 -17.62
N GLY C 248 36.88 22.85 -18.79
CA GLY C 248 37.27 24.14 -19.32
C GLY C 248 36.10 25.12 -19.43
N GLN C 249 34.99 24.67 -20.03
CA GLN C 249 33.81 25.52 -20.17
C GLN C 249 33.19 25.80 -18.81
N ALA C 250 33.24 24.80 -17.93
CA ALA C 250 32.66 24.93 -16.60
C ALA C 250 33.32 26.07 -15.83
N ILE C 251 34.65 26.09 -15.83
CA ILE C 251 35.37 27.15 -15.14
C ILE C 251 35.17 28.50 -15.83
N ALA C 252 35.12 28.48 -17.15
CA ALA C 252 34.94 29.71 -17.92
C ALA C 252 33.59 30.37 -17.61
N LEU C 253 32.52 29.59 -17.65
CA LEU C 253 31.19 30.13 -17.38
C LEU C 253 30.97 30.43 -15.90
N GLN C 254 31.62 29.66 -15.04
CA GLN C 254 31.46 29.85 -13.60
C GLN C 254 32.79 30.12 -12.92
N SER C 255 33.37 29.08 -12.31
CA SER C 255 34.64 29.23 -11.63
C SER C 255 35.17 27.86 -11.21
N GLU C 256 36.42 27.84 -10.78
CA GLU C 256 37.06 26.60 -10.33
C GLU C 256 36.35 26.08 -9.08
N GLU C 257 35.89 26.98 -8.23
CA GLU C 257 35.21 26.61 -7.00
C GLU C 257 33.89 25.90 -7.31
N VAL C 258 33.14 26.44 -8.24
CA VAL C 258 31.86 25.86 -8.64
C VAL C 258 32.09 24.51 -9.32
N TYR C 259 33.09 24.45 -10.19
CA TYR C 259 33.40 23.20 -10.89
C TYR C 259 33.76 22.09 -9.91
N GLU C 260 34.62 22.43 -8.95
CA GLU C 260 35.07 21.45 -7.95
C GLU C 260 33.93 21.00 -7.05
N ARG C 261 33.11 21.95 -6.63
CA ARG C 261 31.97 21.64 -5.77
C ARG C 261 31.05 20.65 -6.47
N TYR C 262 30.69 20.96 -7.72
CA TYR C 262 29.78 20.08 -8.46
C TYR C 262 30.36 18.71 -8.78
N MET C 263 31.68 18.62 -8.97
CA MET C 263 32.29 17.33 -9.24
C MET C 263 32.27 16.48 -7.98
N LYS C 264 32.52 17.11 -6.83
CA LYS C 264 32.50 16.43 -5.55
C LYS C 264 31.08 15.92 -5.29
N TYR C 265 30.10 16.77 -5.58
CA TYR C 265 28.69 16.44 -5.39
C TYR C 265 28.25 15.26 -6.28
N LEU C 266 28.45 15.40 -7.59
CA LEU C 266 28.05 14.35 -8.52
C LEU C 266 28.71 12.99 -8.26
N THR C 267 30.03 12.97 -8.17
CA THR C 267 30.72 11.70 -7.94
C THR C 267 30.35 11.12 -6.58
N GLY C 268 30.27 11.98 -5.56
CA GLY C 268 29.91 11.51 -4.24
C GLY C 268 28.54 10.85 -4.18
N CYS C 269 27.56 11.45 -4.86
CA CYS C 269 26.23 10.87 -4.88
C CYS C 269 26.22 9.53 -5.61
N ALA C 270 27.02 9.43 -6.67
CA ALA C 270 27.12 8.19 -7.43
C ALA C 270 27.52 7.04 -6.50
N GLU C 271 28.55 7.28 -5.70
CA GLU C 271 29.06 6.27 -4.78
C GLU C 271 28.03 5.85 -3.73
N MET C 272 27.32 6.82 -3.17
CA MET C 272 26.32 6.50 -2.16
C MET C 272 25.24 5.60 -2.75
N PHE C 273 24.84 5.85 -3.99
CA PHE C 273 23.84 5.02 -4.63
C PHE C 273 24.45 3.67 -4.95
N ARG C 274 25.71 3.69 -5.39
CA ARG C 274 26.42 2.47 -5.74
C ARG C 274 26.52 1.53 -4.52
N ILE C 275 26.75 2.10 -3.35
CA ILE C 275 26.86 1.31 -2.12
C ILE C 275 25.51 1.08 -1.44
N GLY C 276 24.47 1.77 -1.91
CA GLY C 276 23.15 1.58 -1.36
C GLY C 276 22.71 2.36 -0.13
N TYR C 277 23.40 3.44 0.21
CA TYR C 277 23.02 4.23 1.38
C TYR C 277 21.82 5.12 1.06
N ILE C 278 21.57 5.34 -0.22
CA ILE C 278 20.44 6.12 -0.66
C ILE C 278 19.74 5.39 -1.79
N ASP C 279 18.45 5.62 -1.93
CA ASP C 279 17.65 4.93 -2.92
C ASP C 279 16.76 5.97 -3.62
N VAL C 280 16.08 5.55 -4.67
CA VAL C 280 15.18 6.43 -5.39
C VAL C 280 13.98 5.57 -5.76
N ASN C 281 12.77 6.09 -5.53
CA ASN C 281 11.56 5.32 -5.79
C ASN C 281 10.40 6.07 -6.44
N GLN C 282 9.62 5.33 -7.23
CA GLN C 282 8.44 5.89 -7.86
C GLN C 282 7.26 5.28 -7.12
N PHE C 283 6.47 6.15 -6.47
CA PHE C 283 5.29 5.73 -5.71
C PHE C 283 4.02 6.02 -6.51
N THR C 284 3.29 4.97 -6.87
CA THR C 284 2.04 5.17 -7.60
C THR C 284 0.96 5.39 -6.54
N CYS C 285 0.53 6.65 -6.40
CA CYS C 285 -0.46 7.04 -5.41
C CYS C 285 -1.86 7.15 -6.01
N GLN C 286 -2.71 6.20 -5.63
CA GLN C 286 -4.08 6.10 -6.14
C GLN C 286 -5.12 6.77 -5.27
N LYS C 287 -6.07 7.46 -5.90
CA LYS C 287 -7.18 8.09 -5.19
C LYS C 287 -8.46 7.30 -5.49
N ASP D 3 33.77 -4.71 -16.98
CA ASP D 3 33.71 -6.20 -16.91
C ASP D 3 33.60 -6.78 -18.31
N GLU D 4 34.13 -7.98 -18.47
CA GLU D 4 34.07 -8.65 -19.77
C GLU D 4 32.68 -9.23 -19.96
N LEU D 5 32.04 -9.61 -18.85
CA LEU D 5 30.69 -10.16 -18.84
C LEU D 5 29.87 -9.52 -17.72
N LYS D 6 28.81 -8.81 -18.08
CA LYS D 6 27.95 -8.13 -17.13
C LYS D 6 26.87 -9.08 -16.57
N PRO D 7 26.83 -9.23 -15.24
CA PRO D 7 25.85 -10.10 -14.58
C PRO D 7 24.42 -9.70 -14.92
N HIS D 8 23.52 -10.68 -14.97
CA HIS D 8 22.12 -10.39 -15.26
C HIS D 8 21.40 -10.03 -13.96
N PHE D 9 21.80 -8.89 -13.39
CA PHE D 9 21.22 -8.39 -12.15
C PHE D 9 19.69 -8.28 -12.21
N ALA D 10 19.19 -7.61 -13.23
CA ALA D 10 17.75 -7.41 -13.39
C ALA D 10 16.90 -8.68 -13.35
N ASN D 11 17.24 -9.68 -14.15
CA ASN D 11 16.46 -10.91 -14.19
C ASN D 11 16.47 -11.69 -12.88
N VAL D 12 17.61 -11.71 -12.20
CA VAL D 12 17.71 -12.43 -10.94
C VAL D 12 17.00 -11.68 -9.82
N GLN D 13 17.16 -10.35 -9.80
CA GLN D 13 16.54 -9.52 -8.78
C GLN D 13 15.02 -9.49 -8.93
N ALA D 14 14.54 -9.68 -10.15
CA ALA D 14 13.10 -9.68 -10.42
C ALA D 14 12.42 -10.76 -9.59
N HIS D 15 13.16 -11.81 -9.23
CA HIS D 15 12.58 -12.87 -8.43
C HIS D 15 12.97 -12.78 -6.96
N TYR D 16 14.25 -12.96 -6.69
CA TYR D 16 14.76 -12.97 -5.32
C TYR D 16 14.60 -11.73 -4.46
N ASP D 17 14.42 -10.56 -5.08
CA ASP D 17 14.25 -9.35 -4.29
C ASP D 17 12.79 -8.97 -4.14
N LEU D 18 11.89 -9.94 -4.33
CA LEU D 18 10.47 -9.67 -4.20
C LEU D 18 10.18 -9.16 -2.79
N SER D 19 10.76 -9.84 -1.80
CA SER D 19 10.59 -9.49 -0.40
C SER D 19 10.93 -10.71 0.45
N ASP D 20 11.88 -10.55 1.38
CA ASP D 20 12.26 -11.65 2.26
C ASP D 20 11.06 -12.12 3.10
N ASP D 21 10.21 -11.19 3.51
CA ASP D 21 9.03 -11.53 4.30
C ASP D 21 8.16 -12.53 3.56
N PHE D 22 7.99 -12.31 2.26
CA PHE D 22 7.18 -13.17 1.42
C PHE D 22 7.78 -14.56 1.29
N PHE D 23 9.07 -14.65 0.98
CA PHE D 23 9.70 -15.95 0.83
C PHE D 23 9.69 -16.72 2.13
N ARG D 24 9.79 -16.02 3.26
CA ARG D 24 9.78 -16.66 4.56
C ARG D 24 8.44 -17.34 4.82
N LEU D 25 7.45 -17.05 3.99
CA LEU D 25 6.13 -17.65 4.14
C LEU D 25 6.09 -19.12 3.72
N PHE D 26 7.05 -19.55 2.90
CA PHE D 26 7.06 -20.95 2.47
C PHE D 26 8.38 -21.70 2.60
N LEU D 27 9.49 -20.99 2.66
CA LEU D 27 10.78 -21.66 2.79
C LEU D 27 11.01 -22.09 4.23
N ASP D 28 11.88 -23.07 4.44
CA ASP D 28 12.18 -23.52 5.79
C ASP D 28 12.97 -22.39 6.47
N PRO D 29 13.10 -22.44 7.80
CA PRO D 29 13.83 -21.41 8.56
C PRO D 29 15.21 -20.98 8.03
N THR D 30 15.97 -21.92 7.45
CA THR D 30 17.29 -21.59 6.92
C THR D 30 17.19 -20.82 5.61
N GLN D 31 15.96 -20.71 5.10
CA GLN D 31 15.69 -20.00 3.85
C GLN D 31 16.36 -20.68 2.65
N THR D 32 16.60 -21.97 2.75
CA THR D 32 17.22 -22.72 1.66
C THR D 32 16.19 -22.75 0.53
N TYR D 33 16.61 -22.41 -0.68
CA TYR D 33 15.70 -22.33 -1.82
C TYR D 33 16.20 -23.25 -2.94
N SER D 34 16.19 -24.55 -2.66
CA SER D 34 16.63 -25.58 -3.59
C SER D 34 16.14 -26.93 -3.08
N CYS D 35 16.27 -27.97 -3.89
CA CYS D 35 15.81 -29.31 -3.55
C CYS D 35 16.38 -29.87 -2.25
N ALA D 36 15.50 -30.27 -1.34
CA ALA D 36 15.94 -30.83 -0.06
C ALA D 36 16.29 -32.30 -0.28
N TYR D 37 16.94 -32.91 0.71
CA TYR D 37 17.31 -34.32 0.61
C TYR D 37 16.78 -35.07 1.82
N PHE D 38 15.68 -35.79 1.63
CA PHE D 38 15.08 -36.53 2.72
C PHE D 38 15.82 -37.86 2.94
N GLU D 39 17.02 -37.73 3.52
CA GLU D 39 17.89 -38.87 3.81
C GLU D 39 17.13 -39.94 4.56
N ARG D 40 16.27 -39.50 5.49
CA ARG D 40 15.43 -40.42 6.26
C ARG D 40 13.99 -40.02 5.98
N ASP D 41 13.09 -41.00 5.94
CA ASP D 41 11.69 -40.74 5.64
C ASP D 41 10.94 -39.78 6.56
N ASP D 42 11.37 -39.69 7.81
CA ASP D 42 10.70 -38.82 8.77
C ASP D 42 11.31 -37.43 8.95
N MET D 43 12.26 -37.07 8.10
CA MET D 43 12.90 -35.75 8.22
C MET D 43 11.94 -34.59 8.02
N THR D 44 12.17 -33.52 8.77
CA THR D 44 11.36 -32.33 8.62
C THR D 44 11.98 -31.68 7.39
N LEU D 45 11.35 -30.64 6.85
CA LEU D 45 11.92 -29.97 5.70
C LEU D 45 13.26 -29.36 6.09
N GLN D 46 13.31 -28.74 7.26
CA GLN D 46 14.53 -28.11 7.73
C GLN D 46 15.67 -29.13 7.81
N GLU D 47 15.40 -30.30 8.36
CA GLU D 47 16.42 -31.34 8.48
C GLU D 47 16.85 -31.84 7.10
N ALA D 48 15.89 -31.94 6.17
CA ALA D 48 16.19 -32.39 4.82
C ALA D 48 17.04 -31.38 4.05
N GLN D 49 16.83 -30.09 4.31
CA GLN D 49 17.62 -29.07 3.63
C GLN D 49 19.06 -29.11 4.14
N ILE D 50 19.23 -29.24 5.46
CA ILE D 50 20.57 -29.32 6.01
C ILE D 50 21.22 -30.59 5.49
N ALA D 51 20.42 -31.64 5.31
CA ALA D 51 20.90 -32.91 4.79
C ALA D 51 21.44 -32.73 3.37
N LYS D 52 20.76 -31.90 2.58
CA LYS D 52 21.19 -31.62 1.20
C LYS D 52 22.48 -30.81 1.22
N ILE D 53 22.55 -29.84 2.13
CA ILE D 53 23.74 -29.02 2.24
C ILE D 53 24.93 -29.91 2.58
N ASP D 54 24.76 -30.76 3.59
CA ASP D 54 25.82 -31.67 4.00
C ASP D 54 26.22 -32.61 2.87
N LEU D 55 25.24 -33.07 2.10
CA LEU D 55 25.52 -33.99 0.98
C LEU D 55 26.46 -33.31 -0.01
N ALA D 56 26.16 -32.07 -0.35
CA ALA D 56 27.02 -31.34 -1.29
C ALA D 56 28.40 -31.07 -0.70
N LEU D 57 28.44 -30.48 0.48
CA LEU D 57 29.72 -30.15 1.13
C LEU D 57 30.58 -31.38 1.39
N GLY D 58 29.94 -32.51 1.67
CA GLY D 58 30.69 -33.73 1.96
C GLY D 58 31.50 -34.27 0.80
N LYS D 59 31.20 -33.81 -0.41
CA LYS D 59 31.92 -34.27 -1.60
C LYS D 59 33.12 -33.39 -1.94
N LEU D 60 33.31 -32.31 -1.19
CA LEU D 60 34.38 -31.37 -1.48
C LEU D 60 35.72 -31.61 -0.79
N GLY D 61 35.76 -32.52 0.18
CA GLY D 61 37.02 -32.76 0.87
C GLY D 61 37.55 -31.46 1.46
N LEU D 62 36.69 -30.73 2.15
CA LEU D 62 37.06 -29.47 2.79
C LEU D 62 37.92 -29.73 4.03
N GLN D 63 38.90 -28.85 4.25
CA GLN D 63 39.79 -28.97 5.41
C GLN D 63 39.76 -27.65 6.17
N PRO D 64 40.02 -27.68 7.48
CA PRO D 64 40.01 -26.43 8.25
C PRO D 64 40.92 -25.39 7.62
N GLY D 65 40.42 -24.17 7.49
CA GLY D 65 41.24 -23.12 6.91
C GLY D 65 41.09 -22.87 5.42
N MET D 66 40.47 -23.80 4.69
CA MET D 66 40.29 -23.59 3.25
C MET D 66 39.26 -22.49 3.04
N THR D 67 39.22 -21.96 1.82
CA THR D 67 38.24 -20.94 1.48
C THR D 67 37.25 -21.59 0.51
N LEU D 68 35.98 -21.58 0.89
CA LEU D 68 34.91 -22.14 0.07
C LEU D 68 34.12 -21.02 -0.59
N LEU D 69 33.94 -21.11 -1.90
CA LEU D 69 33.17 -20.10 -2.62
C LEU D 69 31.79 -20.67 -2.90
N ASP D 70 30.75 -19.96 -2.47
CA ASP D 70 29.39 -20.40 -2.73
C ASP D 70 28.87 -19.50 -3.84
N VAL D 71 28.81 -20.01 -5.06
CA VAL D 71 28.33 -19.23 -6.19
C VAL D 71 26.80 -19.21 -6.19
N GLY D 72 26.23 -18.06 -5.81
CA GLY D 72 24.78 -17.92 -5.74
C GLY D 72 24.31 -18.41 -4.38
N CYS D 73 24.87 -17.79 -3.35
CA CYS D 73 24.61 -18.16 -1.95
C CYS D 73 23.21 -18.06 -1.37
N GLY D 74 22.26 -17.51 -2.11
CA GLY D 74 20.92 -17.39 -1.57
C GLY D 74 20.93 -16.61 -0.26
N TRP D 75 20.22 -17.10 0.74
CA TRP D 75 20.16 -16.44 2.03
C TRP D 75 21.20 -16.93 3.04
N GLY D 76 22.29 -17.48 2.52
CA GLY D 76 23.41 -17.90 3.37
C GLY D 76 23.46 -19.19 4.15
N ALA D 77 22.45 -20.05 4.06
CA ALA D 77 22.45 -21.29 4.84
C ALA D 77 23.66 -22.20 4.57
N THR D 78 24.03 -22.34 3.30
CA THR D 78 25.16 -23.20 2.95
C THR D 78 26.47 -22.66 3.52
N MET D 79 26.65 -21.35 3.42
CA MET D 79 27.85 -20.71 3.94
C MET D 79 28.00 -20.92 5.45
N MET D 80 26.94 -20.61 6.20
CA MET D 80 26.97 -20.76 7.65
C MET D 80 27.15 -22.20 8.10
N ARG D 81 26.51 -23.13 7.40
CA ARG D 81 26.63 -24.55 7.74
C ARG D 81 28.04 -25.03 7.50
N ALA D 82 28.65 -24.55 6.41
CA ALA D 82 30.00 -24.95 6.06
C ALA D 82 31.00 -24.50 7.12
N VAL D 83 30.86 -23.26 7.57
CA VAL D 83 31.77 -22.72 8.58
C VAL D 83 31.62 -23.50 9.88
N GLU D 84 30.38 -23.86 10.20
CA GLU D 84 30.09 -24.59 11.43
C GLU D 84 30.58 -26.02 11.43
N LYS D 85 30.25 -26.76 10.37
CA LYS D 85 30.63 -28.16 10.28
C LYS D 85 32.04 -28.44 9.76
N TYR D 86 32.57 -27.57 8.90
CA TYR D 86 33.91 -27.79 8.37
C TYR D 86 35.00 -26.81 8.79
N ASP D 87 34.66 -25.85 9.63
CA ASP D 87 35.62 -24.86 10.11
C ASP D 87 36.41 -24.21 8.98
N VAL D 88 35.71 -23.85 7.91
CA VAL D 88 36.34 -23.22 6.76
C VAL D 88 35.89 -21.78 6.63
N ASN D 89 36.66 -21.00 5.87
CA ASN D 89 36.34 -19.61 5.62
C ASN D 89 35.40 -19.65 4.44
N VAL D 90 34.54 -18.63 4.29
CA VAL D 90 33.61 -18.65 3.18
C VAL D 90 33.40 -17.32 2.47
N VAL D 91 33.10 -17.41 1.17
CA VAL D 91 32.82 -16.25 0.34
C VAL D 91 31.56 -16.57 -0.46
N GLY D 92 30.55 -15.73 -0.36
CA GLY D 92 29.31 -15.97 -1.08
C GLY D 92 29.03 -14.91 -2.12
N LEU D 93 28.54 -15.33 -3.29
CA LEU D 93 28.21 -14.42 -4.36
C LEU D 93 26.70 -14.50 -4.64
N THR D 94 26.08 -13.35 -4.89
CA THR D 94 24.65 -13.33 -5.20
C THR D 94 24.33 -12.04 -5.92
N LEU D 95 23.32 -12.08 -6.78
CA LEU D 95 22.92 -10.89 -7.53
C LEU D 95 21.72 -10.23 -6.86
N SER D 96 21.22 -10.87 -5.81
CA SER D 96 20.06 -10.36 -5.08
C SER D 96 20.47 -9.40 -3.97
N LYS D 97 19.91 -8.19 -4.02
CA LYS D 97 20.20 -7.18 -3.02
C LYS D 97 19.73 -7.61 -1.63
N ASN D 98 18.50 -8.12 -1.55
CA ASN D 98 17.95 -8.55 -0.27
C ASN D 98 18.77 -9.71 0.31
N GLN D 99 19.20 -10.63 -0.53
CA GLN D 99 20.00 -11.75 -0.05
C GLN D 99 21.36 -11.28 0.45
N ALA D 100 21.96 -10.35 -0.29
CA ALA D 100 23.27 -9.81 0.11
C ALA D 100 23.15 -9.15 1.49
N ASN D 101 22.12 -8.33 1.67
CA ASN D 101 21.91 -7.64 2.93
C ASN D 101 21.63 -8.59 4.09
N HIS D 102 20.85 -9.63 3.82
CA HIS D 102 20.51 -10.62 4.84
C HIS D 102 21.74 -11.39 5.29
N VAL D 103 22.51 -11.90 4.33
CA VAL D 103 23.73 -12.65 4.64
C VAL D 103 24.76 -11.76 5.33
N GLN D 104 24.77 -10.48 5.00
CA GLN D 104 25.71 -9.55 5.62
C GLN D 104 25.39 -9.47 7.12
N GLN D 105 24.10 -9.51 7.47
CA GLN D 105 23.72 -9.45 8.87
C GLN D 105 24.09 -10.75 9.57
N LEU D 106 24.01 -11.87 8.85
CA LEU D 106 24.38 -13.17 9.41
C LEU D 106 25.89 -13.11 9.68
N VAL D 107 26.62 -12.50 8.76
CA VAL D 107 28.07 -12.38 8.91
C VAL D 107 28.41 -11.52 10.13
N ALA D 108 27.73 -10.38 10.24
CA ALA D 108 27.96 -9.43 11.33
C ALA D 108 27.60 -10.01 12.70
N ASN D 109 26.61 -10.90 12.73
CA ASN D 109 26.17 -11.48 13.99
C ASN D 109 26.71 -12.86 14.33
N SER D 110 27.50 -13.43 13.42
CA SER D 110 28.04 -14.77 13.62
C SER D 110 28.98 -14.90 14.82
N GLU D 111 28.84 -16.02 15.52
CA GLU D 111 29.66 -16.32 16.69
C GLU D 111 30.82 -17.24 16.31
N ASN D 112 30.85 -17.66 15.05
CA ASN D 112 31.92 -18.52 14.55
C ASN D 112 33.13 -17.65 14.24
N LEU D 113 34.33 -18.19 14.44
CA LEU D 113 35.56 -17.43 14.23
C LEU D 113 36.08 -17.25 12.81
N ARG D 114 35.69 -18.11 11.88
CA ARG D 114 36.19 -17.99 10.51
C ARG D 114 35.74 -16.72 9.78
N SER D 115 36.43 -16.39 8.70
CA SER D 115 36.10 -15.21 7.91
C SER D 115 34.96 -15.54 6.95
N LYS D 116 34.00 -14.61 6.85
CA LYS D 116 32.84 -14.80 5.99
C LYS D 116 32.59 -13.51 5.22
N ARG D 117 32.45 -13.64 3.90
CA ARG D 117 32.21 -12.49 3.03
C ARG D 117 31.07 -12.78 2.07
N VAL D 118 30.25 -11.77 1.79
CA VAL D 118 29.15 -11.91 0.84
C VAL D 118 29.26 -10.69 -0.07
N LEU D 119 29.20 -10.92 -1.37
CA LEU D 119 29.31 -9.83 -2.33
C LEU D 119 28.12 -9.76 -3.28
N LEU D 120 27.61 -8.55 -3.50
CA LEU D 120 26.52 -8.36 -4.44
C LEU D 120 27.25 -8.34 -5.77
N ALA D 121 27.56 -9.52 -6.28
CA ALA D 121 28.31 -9.66 -7.53
C ALA D 121 28.10 -11.02 -8.15
N GLY D 122 28.30 -11.13 -9.45
CA GLY D 122 28.15 -12.41 -10.11
C GLY D 122 29.50 -13.09 -10.14
N TRP D 123 29.51 -14.38 -10.49
CA TRP D 123 30.78 -15.08 -10.57
C TRP D 123 31.59 -14.40 -11.67
N GLU D 124 30.89 -13.75 -12.60
CA GLU D 124 31.54 -13.06 -13.71
C GLU D 124 32.48 -11.95 -13.23
N GLN D 125 32.29 -11.49 -12.00
CA GLN D 125 33.11 -10.42 -11.45
C GLN D 125 34.02 -10.86 -10.31
N PHE D 126 34.15 -12.17 -10.12
CA PHE D 126 34.99 -12.67 -9.05
C PHE D 126 36.29 -13.23 -9.61
N ASP D 127 37.41 -12.69 -9.13
CA ASP D 127 38.73 -13.12 -9.61
C ASP D 127 39.68 -13.28 -8.43
N GLU D 128 39.38 -14.26 -7.57
CA GLU D 128 40.19 -14.55 -6.38
C GLU D 128 40.38 -16.05 -6.27
N PRO D 129 41.61 -16.48 -5.94
CA PRO D 129 41.86 -17.90 -5.80
C PRO D 129 41.02 -18.44 -4.65
N VAL D 130 40.47 -19.65 -4.81
CA VAL D 130 39.68 -20.27 -3.76
C VAL D 130 40.07 -21.75 -3.71
N ASP D 131 39.75 -22.42 -2.61
CA ASP D 131 40.09 -23.83 -2.47
C ASP D 131 39.06 -24.81 -3.01
N ARG D 132 37.78 -24.51 -2.81
CA ARG D 132 36.70 -25.37 -3.28
C ARG D 132 35.48 -24.51 -3.67
N ILE D 133 34.63 -25.04 -4.53
CA ILE D 133 33.45 -24.29 -4.98
C ILE D 133 32.17 -25.12 -4.90
N VAL D 134 31.11 -24.49 -4.39
CA VAL D 134 29.80 -25.13 -4.32
C VAL D 134 28.82 -24.17 -4.97
N SER D 135 27.88 -24.73 -5.73
CA SER D 135 26.87 -23.92 -6.38
C SER D 135 25.60 -24.75 -6.47
N ILE D 136 24.56 -24.30 -5.77
CA ILE D 136 23.27 -24.99 -5.72
C ILE D 136 22.14 -24.11 -6.30
N GLY D 137 21.55 -24.55 -7.41
CA GLY D 137 20.45 -23.81 -8.00
C GLY D 137 20.72 -22.42 -8.58
N ALA D 138 21.97 -22.13 -8.91
CA ALA D 138 22.34 -20.84 -9.48
C ALA D 138 22.53 -20.98 -11.00
N PHE D 139 23.09 -22.12 -11.38
CA PHE D 139 23.39 -22.46 -12.77
C PHE D 139 22.21 -22.22 -13.73
N GLU D 140 21.01 -22.51 -13.26
CA GLU D 140 19.81 -22.34 -14.07
C GLU D 140 19.60 -20.87 -14.50
N HIS D 141 20.31 -19.95 -13.85
CA HIS D 141 20.20 -18.52 -14.16
C HIS D 141 21.35 -18.01 -15.04
N PHE D 142 22.42 -18.79 -15.14
CA PHE D 142 23.60 -18.36 -15.91
C PHE D 142 23.35 -18.08 -17.38
N GLY D 143 22.45 -18.84 -17.99
CA GLY D 143 22.18 -18.65 -19.39
C GLY D 143 23.04 -19.63 -20.18
N HIS D 144 22.43 -20.23 -21.19
CA HIS D 144 23.13 -21.20 -22.03
C HIS D 144 24.42 -20.61 -22.60
N GLU D 145 24.41 -19.30 -22.87
CA GLU D 145 25.58 -18.64 -23.45
C GLU D 145 26.75 -18.40 -22.50
N ARG D 146 26.60 -18.74 -21.22
CA ARG D 146 27.70 -18.52 -20.27
C ARG D 146 28.19 -19.77 -19.57
N TYR D 147 27.59 -20.91 -19.90
CA TYR D 147 28.01 -22.17 -19.27
C TYR D 147 29.51 -22.39 -19.39
N ASP D 148 30.02 -22.27 -20.61
CA ASP D 148 31.44 -22.47 -20.88
C ASP D 148 32.32 -21.51 -20.08
N ALA D 149 31.96 -20.24 -20.05
CA ALA D 149 32.72 -19.24 -19.32
C ALA D 149 32.73 -19.55 -17.82
N PHE D 150 31.60 -20.00 -17.30
CA PHE D 150 31.51 -20.34 -15.88
C PHE D 150 32.48 -21.47 -15.53
N PHE D 151 32.42 -22.57 -16.28
CA PHE D 151 33.32 -23.69 -16.02
C PHE D 151 34.78 -23.30 -16.20
N SER D 152 35.07 -22.45 -17.18
CA SER D 152 36.45 -22.02 -17.38
C SER D 152 36.95 -21.25 -16.16
N LEU D 153 36.10 -20.36 -15.65
CA LEU D 153 36.45 -19.55 -14.49
C LEU D 153 36.55 -20.41 -13.22
N ALA D 154 35.59 -21.32 -13.05
CA ALA D 154 35.60 -22.20 -11.88
C ALA D 154 36.88 -23.04 -11.86
N HIS D 155 37.27 -23.55 -13.03
CA HIS D 155 38.47 -24.39 -13.13
C HIS D 155 39.73 -23.59 -12.84
N ARG D 156 39.75 -22.33 -13.27
CA ARG D 156 40.89 -21.46 -13.07
C ARG D 156 41.13 -21.04 -11.62
N LEU D 157 40.06 -20.66 -10.92
CA LEU D 157 40.17 -20.23 -9.53
C LEU D 157 40.48 -21.33 -8.53
N LEU D 158 40.21 -22.58 -8.92
CA LEU D 158 40.48 -23.73 -8.04
C LEU D 158 41.95 -24.15 -8.05
N PRO D 159 42.39 -24.88 -7.00
CA PRO D 159 43.78 -25.34 -6.88
C PRO D 159 43.96 -26.55 -7.79
N ALA D 160 45.19 -27.04 -7.88
CA ALA D 160 45.51 -28.19 -8.73
C ALA D 160 44.58 -29.38 -8.49
N ASP D 161 44.22 -29.61 -7.24
CA ASP D 161 43.34 -30.73 -6.90
C ASP D 161 41.97 -30.23 -6.45
N GLY D 162 41.60 -29.04 -6.89
CA GLY D 162 40.33 -28.47 -6.51
C GLY D 162 39.12 -29.30 -6.92
N VAL D 163 37.98 -28.99 -6.31
CA VAL D 163 36.75 -29.68 -6.60
C VAL D 163 35.57 -28.70 -6.57
N MET D 164 34.61 -28.91 -7.46
CA MET D 164 33.42 -28.07 -7.48
C MET D 164 32.20 -28.97 -7.48
N LEU D 165 31.27 -28.69 -6.57
CA LEU D 165 30.04 -29.46 -6.53
C LEU D 165 28.97 -28.57 -7.17
N LEU D 166 28.56 -28.93 -8.38
CA LEU D 166 27.54 -28.17 -9.10
C LEU D 166 26.21 -28.91 -9.01
N HIS D 167 25.26 -28.31 -8.32
CA HIS D 167 23.93 -28.88 -8.13
C HIS D 167 22.98 -28.03 -8.94
N THR D 168 22.27 -28.66 -9.87
CA THR D 168 21.35 -27.93 -10.72
C THR D 168 20.21 -28.78 -11.26
N ILE D 169 19.11 -28.12 -11.59
CA ILE D 169 17.96 -28.78 -12.17
C ILE D 169 18.42 -29.09 -13.59
N THR D 170 17.94 -30.18 -14.17
CA THR D 170 18.31 -30.53 -15.53
C THR D 170 17.03 -30.91 -16.27
N GLY D 171 17.02 -30.70 -17.58
CA GLY D 171 15.83 -31.03 -18.37
C GLY D 171 16.07 -32.18 -19.31
N LEU D 172 15.01 -32.61 -19.99
CA LEU D 172 15.11 -33.71 -20.95
C LEU D 172 14.92 -33.19 -22.37
N HIS D 173 15.35 -33.97 -23.35
CA HIS D 173 15.19 -33.56 -24.74
C HIS D 173 13.71 -33.62 -25.07
N PRO D 174 13.10 -32.47 -25.38
CA PRO D 174 11.68 -32.38 -25.72
C PRO D 174 11.22 -33.30 -26.83
N LYS D 175 11.48 -32.89 -28.07
CA LYS D 175 11.09 -33.63 -29.25
C LYS D 175 11.47 -35.12 -29.20
N GLU D 176 12.35 -35.49 -28.27
CA GLU D 176 12.76 -36.87 -28.15
C GLU D 176 12.38 -37.54 -26.83
N ILE D 177 13.34 -38.23 -26.22
CA ILE D 177 13.17 -38.95 -24.96
C ILE D 177 11.93 -38.57 -24.13
N HIS D 178 11.77 -37.27 -23.90
CA HIS D 178 10.63 -36.76 -23.13
C HIS D 178 9.27 -37.29 -23.57
N GLU D 179 9.08 -37.47 -24.87
CA GLU D 179 7.82 -37.94 -25.41
C GLU D 179 7.67 -39.46 -25.53
N ARG D 180 8.79 -40.17 -25.66
CA ARG D 180 8.76 -41.62 -25.81
C ARG D 180 8.38 -42.39 -24.54
N GLY D 181 7.45 -41.86 -23.76
CA GLY D 181 7.04 -42.55 -22.55
C GLY D 181 6.46 -41.63 -21.50
N LEU D 182 5.66 -40.66 -21.92
CA LEU D 182 5.04 -39.71 -21.00
C LEU D 182 3.76 -39.11 -21.59
N PRO D 183 2.78 -38.79 -20.72
CA PRO D 183 1.48 -38.21 -21.08
C PRO D 183 1.53 -36.93 -21.91
N MET D 184 0.55 -36.05 -21.69
CA MET D 184 0.48 -34.78 -22.43
C MET D 184 1.76 -33.97 -22.26
N SER D 185 2.30 -33.49 -23.39
CA SER D 185 3.54 -32.73 -23.39
C SER D 185 3.39 -31.24 -23.71
N PHE D 186 2.16 -30.79 -23.96
CA PHE D 186 1.95 -29.38 -24.28
C PHE D 186 1.63 -28.55 -23.03
N THR D 187 1.12 -29.20 -21.99
CA THR D 187 0.83 -28.51 -20.74
C THR D 187 2.19 -28.02 -20.27
N PHE D 188 3.18 -28.87 -20.48
CA PHE D 188 4.56 -28.59 -20.11
C PHE D 188 5.06 -27.35 -20.84
N ALA D 189 4.83 -27.29 -22.15
CA ALA D 189 5.27 -26.16 -22.97
C ALA D 189 4.67 -24.86 -22.45
N ARG D 190 3.38 -24.89 -22.17
CA ARG D 190 2.66 -23.74 -21.66
C ARG D 190 3.20 -23.33 -20.29
N PHE D 191 3.52 -24.32 -19.45
CA PHE D 191 4.04 -24.04 -18.12
C PHE D 191 5.43 -23.42 -18.20
N LEU D 192 6.27 -23.93 -19.09
CA LEU D 192 7.62 -23.40 -19.25
C LEU D 192 7.59 -21.92 -19.59
N LYS D 193 6.64 -21.55 -20.45
CA LYS D 193 6.47 -20.17 -20.86
C LYS D 193 6.12 -19.37 -19.61
N PHE D 194 5.21 -19.90 -18.81
CA PHE D 194 4.78 -19.26 -17.58
C PHE D 194 5.95 -19.00 -16.65
N ILE D 195 6.77 -20.02 -16.44
CA ILE D 195 7.93 -19.91 -15.56
C ILE D 195 8.90 -18.81 -16.01
N VAL D 196 9.35 -18.88 -17.25
CA VAL D 196 10.31 -17.90 -17.75
C VAL D 196 9.77 -16.49 -17.86
N THR D 197 8.46 -16.34 -18.03
CA THR D 197 7.91 -14.99 -18.14
C THR D 197 7.47 -14.37 -16.82
N GLU D 198 6.89 -15.17 -15.92
CA GLU D 198 6.41 -14.63 -14.66
C GLU D 198 7.22 -14.98 -13.42
N ILE D 199 8.05 -16.02 -13.50
CA ILE D 199 8.82 -16.45 -12.33
C ILE D 199 10.33 -16.28 -12.44
N PHE D 200 10.95 -16.94 -13.42
CA PHE D 200 12.39 -16.84 -13.57
C PHE D 200 12.83 -16.31 -14.94
N PRO D 201 12.71 -14.99 -15.14
CA PRO D 201 13.12 -14.37 -16.41
C PRO D 201 14.58 -14.70 -16.70
N GLY D 202 14.87 -15.14 -17.94
CA GLY D 202 16.25 -15.45 -18.30
C GLY D 202 16.65 -16.87 -17.90
N GLY D 203 15.76 -17.55 -17.20
CA GLY D 203 16.05 -18.91 -16.76
C GLY D 203 16.16 -19.90 -17.90
N ARG D 204 17.06 -20.87 -17.73
CA ARG D 204 17.30 -21.90 -18.74
C ARG D 204 17.72 -23.21 -18.05
N LEU D 205 17.18 -24.34 -18.50
CA LEU D 205 17.56 -25.62 -17.91
C LEU D 205 18.52 -26.39 -18.81
N PRO D 206 19.63 -26.87 -18.23
CA PRO D 206 20.62 -27.61 -19.02
C PRO D 206 20.30 -29.10 -19.02
N SER D 207 20.78 -29.81 -20.05
CA SER D 207 20.57 -31.25 -20.10
C SER D 207 21.78 -31.82 -19.37
N ILE D 208 21.67 -33.07 -18.93
CA ILE D 208 22.79 -33.69 -18.23
C ILE D 208 24.02 -33.76 -19.14
N PRO D 209 23.83 -34.16 -20.42
CA PRO D 209 24.96 -34.24 -21.34
C PRO D 209 25.67 -32.89 -21.53
N MET D 210 24.88 -31.83 -21.60
CA MET D 210 25.42 -30.48 -21.77
C MET D 210 26.32 -30.11 -20.60
N VAL D 211 25.86 -30.40 -19.39
CA VAL D 211 26.66 -30.12 -18.21
C VAL D 211 27.97 -30.89 -18.28
N GLN D 212 27.86 -32.19 -18.58
CA GLN D 212 29.02 -33.07 -18.69
C GLN D 212 30.03 -32.58 -19.74
N GLU D 213 29.53 -32.27 -20.93
CA GLU D 213 30.36 -31.80 -22.02
C GLU D 213 31.05 -30.47 -21.70
N CYS D 214 30.31 -29.53 -21.10
CA CYS D 214 30.90 -28.24 -20.76
C CYS D 214 31.97 -28.35 -19.69
N ALA D 215 31.76 -29.24 -18.72
CA ALA D 215 32.73 -29.42 -17.65
C ALA D 215 33.97 -30.11 -18.20
N SER D 216 33.74 -31.07 -19.08
CA SER D 216 34.83 -31.83 -19.68
C SER D 216 35.70 -30.95 -20.58
N ALA D 217 35.07 -30.08 -21.35
CA ALA D 217 35.80 -29.20 -22.26
C ALA D 217 36.61 -28.14 -21.52
N ASN D 218 36.42 -28.05 -20.21
CA ASN D 218 37.14 -27.05 -19.42
C ASN D 218 38.07 -27.63 -18.36
N GLY D 219 38.56 -28.84 -18.57
CA GLY D 219 39.49 -29.43 -17.62
C GLY D 219 38.93 -30.18 -16.43
N PHE D 220 37.60 -30.24 -16.31
CA PHE D 220 36.98 -30.96 -15.21
C PHE D 220 36.69 -32.40 -15.59
N THR D 221 36.66 -33.26 -14.58
CA THR D 221 36.32 -34.66 -14.74
C THR D 221 35.13 -34.88 -13.80
N VAL D 222 33.96 -35.13 -14.37
CA VAL D 222 32.77 -35.36 -13.55
C VAL D 222 32.85 -36.78 -13.03
N THR D 223 33.19 -36.93 -11.74
CA THR D 223 33.34 -38.24 -11.14
C THR D 223 32.06 -38.85 -10.60
N ARG D 224 31.01 -38.04 -10.46
CA ARG D 224 29.74 -38.56 -9.99
C ARG D 224 28.59 -37.63 -10.33
N VAL D 225 27.44 -38.25 -10.62
CA VAL D 225 26.22 -37.53 -10.92
C VAL D 225 25.14 -38.22 -10.09
N GLN D 226 24.56 -37.48 -9.15
CA GLN D 226 23.54 -38.04 -8.27
C GLN D 226 22.22 -37.28 -8.40
N SER D 227 21.17 -37.99 -8.79
CA SER D 227 19.85 -37.37 -8.95
C SER D 227 19.08 -37.36 -7.64
N LEU D 228 18.36 -36.27 -7.39
CA LEU D 228 17.56 -36.13 -6.18
C LEU D 228 16.11 -35.90 -6.61
N GLN D 229 15.82 -36.26 -7.86
CA GLN D 229 14.50 -36.08 -8.48
C GLN D 229 13.26 -36.30 -7.59
N PRO D 230 13.12 -37.47 -6.95
CA PRO D 230 11.96 -37.71 -6.10
C PRO D 230 11.82 -36.71 -4.96
N HIS D 231 12.96 -36.29 -4.42
CA HIS D 231 13.00 -35.36 -3.31
C HIS D 231 12.47 -33.96 -3.64
N TYR D 232 12.56 -33.56 -4.91
CA TYR D 232 12.08 -32.23 -5.27
C TYR D 232 10.57 -32.15 -5.26
N ALA D 233 9.90 -33.21 -5.71
CA ALA D 233 8.45 -33.20 -5.71
C ALA D 233 7.99 -32.98 -4.25
N LYS D 234 8.63 -33.65 -3.31
CA LYS D 234 8.26 -33.49 -1.91
C LYS D 234 8.60 -32.09 -1.37
N THR D 235 9.76 -31.57 -1.74
CA THR D 235 10.16 -30.23 -1.30
C THR D 235 9.13 -29.20 -1.76
N LEU D 236 8.78 -29.24 -3.05
CA LEU D 236 7.82 -28.30 -3.60
C LEU D 236 6.45 -28.44 -2.95
N ASP D 237 6.03 -29.67 -2.64
CA ASP D 237 4.74 -29.88 -1.99
C ASP D 237 4.74 -29.21 -0.61
N LEU D 238 5.82 -29.38 0.14
CA LEU D 238 5.92 -28.79 1.47
C LEU D 238 5.91 -27.27 1.39
N TRP D 239 6.58 -26.73 0.37
CA TRP D 239 6.60 -25.29 0.17
C TRP D 239 5.20 -24.76 -0.15
N SER D 240 4.53 -25.39 -1.12
CA SER D 240 3.19 -24.94 -1.51
C SER D 240 2.19 -25.05 -0.36
N ALA D 241 2.33 -26.10 0.43
CA ALA D 241 1.41 -26.31 1.56
C ALA D 241 1.52 -25.16 2.57
N ALA D 242 2.76 -24.75 2.86
CA ALA D 242 3.00 -23.67 3.81
C ALA D 242 2.52 -22.33 3.27
N LEU D 243 2.74 -22.11 1.98
CA LEU D 243 2.30 -20.86 1.36
C LEU D 243 0.78 -20.73 1.43
N GLN D 244 0.09 -21.82 1.09
CA GLN D 244 -1.35 -21.83 1.09
C GLN D 244 -1.90 -21.50 2.48
N ALA D 245 -1.35 -22.15 3.51
CA ALA D 245 -1.78 -21.91 4.88
C ALA D 245 -1.49 -20.47 5.26
N ASN D 246 -0.53 -19.86 4.55
CA ASN D 246 -0.12 -18.47 4.76
C ASN D 246 -0.76 -17.53 3.76
N LYS D 247 -1.82 -17.98 3.10
CA LYS D 247 -2.51 -17.18 2.08
C LYS D 247 -2.81 -15.75 2.52
N GLY D 248 -3.38 -15.61 3.71
CA GLY D 248 -3.73 -14.30 4.22
C GLY D 248 -2.54 -13.36 4.33
N GLN D 249 -1.46 -13.85 4.93
CA GLN D 249 -0.26 -13.03 5.09
C GLN D 249 0.37 -12.75 3.73
N ALA D 250 0.27 -13.73 2.83
CA ALA D 250 0.84 -13.59 1.49
C ALA D 250 0.16 -12.45 0.73
N ILE D 251 -1.16 -12.38 0.81
CA ILE D 251 -1.91 -11.35 0.14
C ILE D 251 -1.71 -9.98 0.79
N ALA D 252 -1.54 -9.97 2.11
CA ALA D 252 -1.32 -8.73 2.84
C ALA D 252 0.05 -8.14 2.51
N LEU D 253 1.07 -8.98 2.53
CA LEU D 253 2.43 -8.52 2.23
C LEU D 253 2.59 -8.15 0.76
N GLN D 254 1.94 -8.90 -0.11
CA GLN D 254 2.01 -8.63 -1.55
C GLN D 254 0.64 -8.37 -2.16
N SER D 255 0.06 -9.38 -2.77
CA SER D 255 -1.26 -9.24 -3.40
C SER D 255 -1.80 -10.61 -3.77
N GLU D 256 -3.07 -10.64 -4.17
CA GLU D 256 -3.70 -11.89 -4.54
C GLU D 256 -3.06 -12.44 -5.82
N GLU D 257 -2.76 -11.54 -6.75
CA GLU D 257 -2.14 -11.93 -8.01
C GLU D 257 -0.80 -12.61 -7.75
N VAL D 258 -0.02 -12.05 -6.84
CA VAL D 258 1.28 -12.61 -6.49
C VAL D 258 1.13 -13.96 -5.80
N TYR D 259 0.16 -14.05 -4.88
CA TYR D 259 -0.09 -15.30 -4.17
C TYR D 259 -0.44 -16.42 -5.16
N GLU D 260 -1.44 -16.15 -6.00
CA GLU D 260 -1.90 -17.15 -6.98
C GLU D 260 -0.77 -17.57 -7.90
N ARG D 261 0.03 -16.61 -8.33
CA ARG D 261 1.16 -16.87 -9.22
C ARG D 261 2.14 -17.87 -8.62
N TYR D 262 2.55 -17.63 -7.37
CA TYR D 262 3.49 -18.53 -6.72
C TYR D 262 2.90 -19.89 -6.40
N MET D 263 1.59 -19.94 -6.16
CA MET D 263 0.96 -21.24 -5.88
C MET D 263 0.97 -22.05 -7.17
N LYS D 264 0.67 -21.39 -8.29
CA LYS D 264 0.66 -22.02 -9.61
C LYS D 264 2.07 -22.52 -9.95
N TYR D 265 3.05 -21.70 -9.62
CA TYR D 265 4.46 -22.01 -9.87
C TYR D 265 4.94 -23.19 -9.02
N LEU D 266 4.71 -23.12 -7.72
CA LEU D 266 5.14 -24.17 -6.80
C LEU D 266 4.47 -25.53 -7.08
N THR D 267 3.15 -25.53 -7.17
CA THR D 267 2.40 -26.76 -7.42
C THR D 267 2.70 -27.33 -8.80
N GLY D 268 2.88 -26.45 -9.78
CA GLY D 268 3.17 -26.90 -11.13
C GLY D 268 4.53 -27.56 -11.23
N CYS D 269 5.53 -27.00 -10.58
CA CYS D 269 6.86 -27.58 -10.63
C CYS D 269 6.88 -28.94 -9.93
N ALA D 270 6.16 -29.04 -8.81
CA ALA D 270 6.10 -30.31 -8.07
C ALA D 270 5.64 -31.43 -8.98
N GLU D 271 4.65 -31.14 -9.82
CA GLU D 271 4.10 -32.15 -10.73
C GLU D 271 5.10 -32.54 -11.81
N MET D 272 5.82 -31.55 -12.33
CA MET D 272 6.81 -31.82 -13.37
C MET D 272 7.88 -32.78 -12.85
N PHE D 273 8.29 -32.61 -11.59
CA PHE D 273 9.29 -33.51 -11.01
C PHE D 273 8.63 -34.85 -10.69
N ARG D 274 7.38 -34.80 -10.22
CA ARG D 274 6.65 -36.01 -9.86
C ARG D 274 6.54 -36.99 -11.03
N ILE D 275 6.25 -36.48 -12.22
CA ILE D 275 6.10 -37.34 -13.40
C ILE D 275 7.40 -37.58 -14.16
N GLY D 276 8.47 -36.88 -13.79
CA GLY D 276 9.75 -37.08 -14.45
C GLY D 276 10.05 -36.26 -15.68
N TYR D 277 9.39 -35.12 -15.83
CA TYR D 277 9.64 -34.25 -16.98
C TYR D 277 10.93 -33.47 -16.79
N ILE D 278 11.35 -33.32 -15.52
CA ILE D 278 12.58 -32.62 -15.18
C ILE D 278 13.30 -33.38 -14.05
N ASP D 279 14.59 -33.10 -13.91
CA ASP D 279 15.41 -33.79 -12.93
C ASP D 279 16.28 -32.74 -12.21
N VAL D 280 17.00 -33.16 -11.19
CA VAL D 280 17.89 -32.27 -10.45
C VAL D 280 19.07 -33.14 -10.08
N ASN D 281 20.27 -32.67 -10.41
CA ASN D 281 21.48 -33.45 -10.19
C ASN D 281 22.66 -32.71 -9.57
N GLN D 282 23.44 -33.42 -8.76
CA GLN D 282 24.64 -32.85 -8.18
C GLN D 282 25.78 -33.46 -8.98
N PHE D 283 26.60 -32.60 -9.59
CA PHE D 283 27.74 -33.04 -10.39
C PHE D 283 29.02 -32.78 -9.62
N THR D 284 29.80 -33.82 -9.37
CA THR D 284 31.07 -33.67 -8.67
C THR D 284 32.10 -33.43 -9.76
N CYS D 285 32.63 -32.22 -9.82
CA CYS D 285 33.61 -31.83 -10.83
C CYS D 285 35.02 -31.78 -10.27
N GLN D 286 35.82 -32.75 -10.69
CA GLN D 286 37.21 -32.88 -10.24
C GLN D 286 38.21 -32.23 -11.19
N LYS D 287 39.11 -31.42 -10.64
CA LYS D 287 40.12 -30.74 -11.46
C LYS D 287 41.45 -31.48 -11.36
#